data_6OJW
#
_entry.id   6OJW
#
_cell.length_a   183.259
_cell.length_b   183.259
_cell.length_c   95.081
_cell.angle_alpha   90.000
_cell.angle_beta   90.000
_cell.angle_gamma   120.000
#
_symmetry.space_group_name_H-M   'P 32 2 1'
#
loop_
_entity.id
_entity.type
_entity.pdbx_description
1 polymer 'Lignostilbene-alpha,beta-dioxygenase isozyme I'
2 non-polymer 'FE (III) ION'
3 non-polymer GLYCEROL
4 non-polymer 'MAGNESIUM ION'
5 water water
#
_entity_poly.entity_id   1
_entity_poly.type   'polypeptide(L)'
_entity_poly.pdbx_seq_one_letter_code
;AHFPQTPGFSGTLRPLRIEGDILDIEIEGEVPPQLNGTFHRVHPDAQFPPRFEDDQFFNGDGMVSLFRFHDGKIDFRQRY
AQTDKWKVERKAGKSLFGAYRNPLTDDASVQGMIRGTANTNVMVHAGKLYAMKEDSPCLIMDPLTLETEGYTNFDGKLQS
QTFCAHPKIDPVTGNLCAFAYGAKGLMTLDMAYIEISPTGKLLKEIPFQNPYYCMMHDFGVTEDYAVFAVMPLLSSWDRL
EQRLPFFGFDTTLPCYLGILPRNGDARDLRWFKTGNCFVGHVMNAFNDGTKVHIDMPVSRNNSFPFFDVHGAPFDPVAGQ
GFLTRWTVDMASNGDSFEKTERLFDRPDEFPRIDERYATRAYRHGWMLILDTEKPYEAPGGAFYALTNTLGHIDLATGKS
SSWWAGPRCAIQEPCFIPRSPDAPEGDGYVIALVDDHVANYSDLAIFDAQHVDQGPIARAKLPVRIRQGLHGNWADASRL
;
_entity_poly.pdbx_strand_id   B,A
#
loop_
_chem_comp.id
_chem_comp.type
_chem_comp.name
_chem_comp.formula
FE non-polymer 'FE (III) ION' 'Fe 3'
GOL non-polymer GLYCEROL 'C3 H8 O3'
MG non-polymer 'MAGNESIUM ION' 'Mg 2'
#
# COMPACT_ATOMS: atom_id res chain seq x y z
N ALA A 1 -1.85 -2.04 17.97
CA ALA A 1 -1.46 -0.81 17.29
C ALA A 1 -0.15 -0.26 17.85
N HIS A 2 0.27 -0.78 19.00
CA HIS A 2 1.55 -0.40 19.59
C HIS A 2 2.48 -1.60 19.47
N PHE A 3 3.24 -1.62 18.40
CA PHE A 3 4.23 -2.67 18.23
C PHE A 3 5.49 -2.32 19.01
N PRO A 4 6.22 -3.33 19.49
CA PRO A 4 7.39 -3.05 20.32
C PRO A 4 8.45 -2.28 19.55
N GLN A 5 9.18 -1.44 20.27
CA GLN A 5 10.27 -0.64 19.70
C GLN A 5 11.58 -1.41 19.63
N THR A 6 11.52 -2.73 19.52
CA THR A 6 12.71 -3.56 19.35
C THR A 6 13.19 -3.46 17.91
N PRO A 7 14.39 -3.97 17.62
CA PRO A 7 14.85 -3.96 16.22
C PRO A 7 14.03 -4.82 15.28
N GLY A 8 13.41 -5.90 15.78
CA GLY A 8 12.64 -6.79 14.94
C GLY A 8 11.31 -6.22 14.45
N PHE A 9 10.95 -5.01 14.88
CA PHE A 9 9.73 -4.36 14.42
C PHE A 9 9.98 -2.91 14.03
N SER A 10 11.22 -2.55 13.75
CA SER A 10 11.61 -1.19 13.44
C SER A 10 12.50 -1.16 12.20
N GLY A 11 12.57 0.00 11.58
CA GLY A 11 13.51 0.20 10.48
C GLY A 11 13.11 -0.61 9.26
N THR A 12 14.05 -1.43 8.79
CA THR A 12 13.78 -2.27 7.64
C THR A 12 12.87 -3.45 7.98
N LEU A 13 12.73 -3.78 9.27
CA LEU A 13 11.80 -4.81 9.70
C LEU A 13 10.53 -4.21 10.32
N ARG A 14 10.18 -3.00 9.92
CA ARG A 14 8.94 -2.42 10.40
C ARG A 14 7.76 -3.27 9.93
N PRO A 15 6.67 -3.29 10.68
CA PRO A 15 5.47 -3.95 10.17
C PRO A 15 5.00 -3.31 8.87
N LEU A 16 4.39 -4.14 8.02
CA LEU A 16 3.79 -3.68 6.78
C LEU A 16 2.28 -3.90 6.82
N ARG A 17 1.80 -5.13 6.67
CA ARG A 17 0.43 -5.52 6.99
C ARG A 17 -0.60 -4.94 6.04
N ILE A 18 -0.19 -4.41 4.89
CA ILE A 18 -1.13 -3.88 3.92
C ILE A 18 -1.49 -4.98 2.93
N GLU A 19 -2.77 -5.31 2.86
CA GLU A 19 -3.33 -6.08 1.77
C GLU A 19 -3.83 -5.10 0.71
N GLY A 20 -3.68 -5.46 -0.55
CA GLY A 20 -4.11 -4.57 -1.61
C GLY A 20 -3.69 -5.06 -2.98
N ASP A 21 -3.94 -4.19 -3.98
CA ASP A 21 -3.75 -4.52 -5.37
C ASP A 21 -3.20 -3.31 -6.13
N ILE A 22 -2.46 -3.60 -7.19
CA ILE A 22 -2.06 -2.59 -8.18
C ILE A 22 -2.23 -3.22 -9.56
N LEU A 23 -3.02 -2.56 -10.41
CA LEU A 23 -3.22 -3.03 -11.78
C LEU A 23 -2.16 -2.40 -12.68
N ASP A 24 -1.39 -3.24 -13.36
CA ASP A 24 -0.39 -2.78 -14.30
C ASP A 24 0.72 -2.00 -13.59
N ILE A 25 1.60 -2.73 -12.89
CA ILE A 25 2.69 -2.10 -12.16
C ILE A 25 3.55 -1.27 -13.11
N GLU A 26 4.12 -0.18 -12.56
CA GLU A 26 5.08 0.60 -13.31
C GLU A 26 6.26 -0.27 -13.72
N ILE A 27 6.64 -0.19 -15.00
CA ILE A 27 7.71 -1.01 -15.56
C ILE A 27 8.81 -0.10 -16.06
N GLU A 28 10.03 -0.36 -15.61
CA GLU A 28 11.24 0.20 -16.18
C GLU A 28 11.92 -0.89 -16.99
N GLY A 29 12.25 -0.58 -18.24
CA GLY A 29 12.69 -1.62 -19.16
C GLY A 29 11.49 -2.34 -19.76
N GLU A 30 11.70 -3.59 -20.14
CA GLU A 30 10.66 -4.38 -20.82
C GLU A 30 10.51 -5.73 -20.14
N VAL A 31 9.30 -6.03 -19.72
CA VAL A 31 8.98 -7.37 -19.20
C VAL A 31 8.95 -8.34 -20.37
N PRO A 32 9.71 -9.43 -20.34
CA PRO A 32 9.69 -10.38 -21.46
C PRO A 32 8.27 -10.73 -21.85
N PRO A 33 7.86 -10.41 -23.08
CA PRO A 33 6.43 -10.51 -23.42
C PRO A 33 5.91 -11.93 -23.49
N GLN A 34 6.77 -12.94 -23.63
CA GLN A 34 6.29 -14.31 -23.66
C GLN A 34 5.76 -14.75 -22.31
N LEU A 35 6.27 -14.17 -21.23
CA LEU A 35 5.97 -14.68 -19.89
C LEU A 35 4.49 -14.51 -19.57
N ASN A 36 3.88 -15.60 -19.13
CA ASN A 36 2.45 -15.63 -18.83
C ASN A 36 2.26 -16.62 -17.70
N GLY A 37 2.16 -16.11 -16.47
CA GLY A 37 2.03 -16.96 -15.31
C GLY A 37 2.02 -16.18 -14.02
N THR A 38 2.43 -16.82 -12.93
CA THR A 38 2.35 -16.22 -11.61
C THR A 38 3.67 -16.41 -10.86
N PHE A 39 4.07 -15.37 -10.13
CA PHE A 39 5.12 -15.46 -9.14
C PHE A 39 4.47 -15.23 -7.78
N HIS A 40 4.41 -16.28 -6.97
CA HIS A 40 3.93 -16.18 -5.61
C HIS A 40 5.12 -16.12 -4.65
N ARG A 41 4.85 -15.62 -3.45
CA ARG A 41 5.90 -15.18 -2.54
C ARG A 41 5.25 -14.77 -1.22
N VAL A 42 5.96 -14.90 -0.09
CA VAL A 42 5.33 -14.74 1.21
C VAL A 42 6.34 -14.17 2.20
N HIS A 43 5.87 -13.31 3.09
CA HIS A 43 6.70 -12.83 4.19
C HIS A 43 5.93 -12.88 5.50
N PRO A 44 6.62 -12.98 6.63
CA PRO A 44 5.93 -12.86 7.93
C PRO A 44 5.54 -11.42 8.19
N ASP A 45 4.32 -11.25 8.71
CA ASP A 45 3.78 -9.92 8.98
C ASP A 45 2.70 -10.00 10.04
N ALA A 46 3.10 -10.07 11.31
CA ALA A 46 2.16 -10.18 12.41
C ALA A 46 1.03 -9.19 12.26
N GLN A 47 -0.21 -9.71 12.33
CA GLN A 47 -1.38 -8.85 12.16
C GLN A 47 -1.51 -7.88 13.31
N PHE A 48 -1.16 -8.30 14.52
CA PHE A 48 -1.26 -7.49 15.72
C PHE A 48 0.05 -7.58 16.49
N PRO A 49 0.32 -6.65 17.38
CA PRO A 49 1.52 -6.74 18.21
C PRO A 49 1.57 -8.08 18.93
N PRO A 50 2.76 -8.67 19.10
CA PRO A 50 2.82 -9.98 19.75
C PRO A 50 2.53 -9.92 21.24
N ARG A 51 2.26 -11.10 21.80
CA ARG A 51 2.10 -11.20 23.25
C ARG A 51 3.43 -11.00 23.97
N PHE A 52 4.55 -11.28 23.31
CA PHE A 52 5.88 -11.16 23.91
C PHE A 52 6.75 -10.28 23.03
N GLU A 53 7.40 -9.29 23.66
CA GLU A 53 8.09 -8.25 22.91
C GLU A 53 9.24 -8.78 22.09
N ASP A 54 9.77 -9.97 22.42
CA ASP A 54 10.89 -10.56 21.72
C ASP A 54 10.44 -11.59 20.68
N ASP A 55 9.23 -11.43 20.15
CA ASP A 55 8.69 -12.39 19.20
C ASP A 55 9.62 -12.56 18.00
N GLN A 56 9.74 -13.79 17.52
CA GLN A 56 10.66 -14.11 16.44
C GLN A 56 10.13 -13.61 15.11
N PHE A 57 11.06 -13.35 14.19
CA PHE A 57 10.69 -12.99 12.83
C PHE A 57 9.85 -14.09 12.18
N PHE A 58 10.18 -15.35 12.46
CA PHE A 58 9.51 -16.48 11.84
C PHE A 58 8.12 -16.76 12.43
N ASN A 59 7.69 -15.99 13.42
CA ASN A 59 6.41 -16.21 14.08
C ASN A 59 5.29 -15.34 13.51
N GLY A 60 5.60 -14.49 12.53
CA GLY A 60 4.61 -13.54 12.04
C GLY A 60 3.64 -14.15 11.03
N ASP A 61 2.41 -13.64 11.06
CA ASP A 61 1.38 -14.11 10.16
C ASP A 61 1.84 -14.01 8.71
N GLY A 62 1.51 -15.02 7.92
CA GLY A 62 1.94 -15.07 6.53
C GLY A 62 1.18 -14.06 5.68
N MET A 63 1.92 -13.22 4.95
CA MET A 63 1.37 -12.29 3.99
C MET A 63 1.84 -12.72 2.60
N VAL A 64 0.89 -13.06 1.73
CA VAL A 64 1.19 -13.66 0.44
C VAL A 64 1.13 -12.57 -0.63
N SER A 65 2.15 -12.53 -1.49
CA SER A 65 2.20 -11.61 -2.62
C SER A 65 2.05 -12.39 -3.92
N LEU A 66 1.30 -11.81 -4.85
CA LEU A 66 1.11 -12.38 -6.18
C LEU A 66 1.56 -11.36 -7.23
N PHE A 67 2.40 -11.80 -8.15
CA PHE A 67 2.80 -11.02 -9.31
C PHE A 67 2.34 -11.78 -10.55
N ARG A 68 1.27 -11.32 -11.19
CA ARG A 68 0.71 -12.03 -12.34
C ARG A 68 1.27 -11.44 -13.62
N PHE A 69 2.11 -12.21 -14.31
CA PHE A 69 2.69 -11.80 -15.58
C PHE A 69 1.72 -12.07 -16.71
N HIS A 70 1.65 -11.15 -17.68
CA HIS A 70 0.90 -11.36 -18.90
C HIS A 70 1.14 -10.25 -19.91
N ASP A 71 1.59 -10.62 -21.11
CA ASP A 71 1.65 -9.68 -22.23
C ASP A 71 2.50 -8.47 -21.90
N GLY A 72 3.64 -8.70 -21.24
CA GLY A 72 4.53 -7.62 -20.87
C GLY A 72 4.10 -6.80 -19.68
N LYS A 73 2.96 -7.12 -19.07
CA LYS A 73 2.48 -6.44 -17.88
C LYS A 73 2.62 -7.33 -16.66
N ILE A 74 2.70 -6.70 -15.49
CA ILE A 74 2.67 -7.41 -14.21
C ILE A 74 1.67 -6.70 -13.31
N ASP A 75 0.73 -7.47 -12.76
CA ASP A 75 -0.18 -6.97 -11.76
C ASP A 75 0.26 -7.40 -10.37
N PHE A 76 -0.17 -6.66 -9.36
CA PHE A 76 0.20 -6.91 -7.97
C PHE A 76 -1.05 -7.18 -7.15
N ARG A 77 -0.97 -8.20 -6.30
CA ARG A 77 -2.02 -8.51 -5.35
C ARG A 77 -1.37 -9.13 -4.12
N GLN A 78 -1.77 -8.64 -2.95
CA GLN A 78 -1.18 -9.10 -1.69
C GLN A 78 -2.30 -9.30 -0.68
N ARG A 79 -2.31 -10.46 -0.03
CA ARG A 79 -3.36 -10.83 0.90
C ARG A 79 -2.77 -11.62 2.05
N TYR A 80 -3.38 -11.47 3.22
CA TYR A 80 -3.07 -12.32 4.35
C TYR A 80 -3.58 -13.74 4.10
N ALA A 81 -2.78 -14.73 4.50
CA ALA A 81 -3.25 -16.10 4.55
C ALA A 81 -4.15 -16.26 5.77
N GLN A 82 -5.43 -16.53 5.54
CA GLN A 82 -6.39 -16.59 6.64
C GLN A 82 -6.32 -17.97 7.30
N THR A 83 -5.23 -18.16 8.05
CA THR A 83 -5.08 -19.36 8.86
C THR A 83 -6.11 -19.36 9.99
N ASP A 84 -6.21 -20.50 10.66
CA ASP A 84 -7.06 -20.57 11.85
C ASP A 84 -6.60 -19.56 12.89
N LYS A 85 -5.29 -19.37 13.02
CA LYS A 85 -4.74 -18.40 13.95
C LYS A 85 -5.13 -16.98 13.56
N TRP A 86 -4.94 -16.63 12.28
CA TRP A 86 -5.24 -15.29 11.82
C TRP A 86 -6.72 -14.96 11.98
N LYS A 87 -7.60 -15.90 11.64
CA LYS A 87 -9.04 -15.66 11.74
C LYS A 87 -9.45 -15.38 13.17
N VAL A 88 -9.06 -16.24 14.10
CA VAL A 88 -9.51 -16.10 15.48
C VAL A 88 -8.91 -14.87 16.13
N GLU A 89 -7.67 -14.52 15.76
CA GLU A 89 -7.03 -13.36 16.35
C GLU A 89 -7.66 -12.07 15.83
N ARG A 90 -8.02 -12.03 14.55
CA ARG A 90 -8.76 -10.88 14.02
C ARG A 90 -10.09 -10.74 14.75
N LYS A 91 -10.80 -11.83 14.96
CA LYS A 91 -12.05 -11.78 15.72
C LYS A 91 -11.83 -11.11 17.07
N ALA A 92 -10.75 -11.47 17.76
CA ALA A 92 -10.42 -10.92 19.05
C ALA A 92 -9.70 -9.58 18.98
N GLY A 93 -9.27 -9.16 17.79
CA GLY A 93 -8.56 -7.90 17.64
C GLY A 93 -7.20 -7.84 18.28
N LYS A 94 -6.63 -8.98 18.68
CA LYS A 94 -5.34 -8.98 19.35
C LYS A 94 -4.70 -10.36 19.17
N SER A 95 -3.42 -10.43 19.54
CA SER A 95 -2.67 -11.68 19.41
C SER A 95 -3.02 -12.60 20.56
N LEU A 96 -3.47 -13.81 20.24
CA LEU A 96 -3.84 -14.81 21.24
C LEU A 96 -2.79 -15.91 21.37
N PHE A 97 -2.16 -16.30 20.27
CA PHE A 97 -1.07 -17.26 20.34
C PHE A 97 0.21 -16.56 20.80
N GLY A 98 1.07 -17.33 21.45
CA GLY A 98 2.23 -16.78 22.14
C GLY A 98 3.52 -16.96 21.38
N ALA A 99 4.54 -17.39 22.10
CA ALA A 99 5.89 -17.48 21.55
C ALA A 99 5.97 -18.54 20.46
N TYR A 100 7.04 -18.43 19.67
CA TYR A 100 7.26 -19.30 18.52
C TYR A 100 7.27 -20.77 18.92
N ARG A 101 6.30 -21.53 18.42
CA ARG A 101 6.19 -22.98 18.65
C ARG A 101 6.06 -23.33 20.12
N ASN A 102 5.45 -22.46 20.92
CA ASN A 102 5.35 -22.66 22.37
C ASN A 102 3.89 -22.57 22.78
N PRO A 103 3.15 -23.69 22.75
CA PRO A 103 1.73 -23.65 23.14
C PRO A 103 1.51 -23.37 24.62
N LEU A 104 2.54 -23.47 25.46
CA LEU A 104 2.41 -23.12 26.86
C LEU A 104 2.21 -21.63 27.07
N THR A 105 2.45 -20.81 26.04
CA THR A 105 2.29 -19.37 26.12
C THR A 105 1.04 -18.89 25.40
N ASP A 106 0.24 -19.79 24.84
CA ASP A 106 -0.99 -19.41 24.18
C ASP A 106 -2.06 -19.03 25.21
N ASP A 107 -2.91 -18.08 24.83
CA ASP A 107 -4.09 -17.80 25.62
C ASP A 107 -4.96 -19.04 25.69
N ALA A 108 -5.69 -19.18 26.79
CA ALA A 108 -6.55 -20.34 26.98
C ALA A 108 -7.57 -20.49 25.86
N SER A 109 -8.00 -19.36 25.27
CA SER A 109 -9.10 -19.40 24.31
C SER A 109 -8.74 -20.06 22.99
N VAL A 110 -7.46 -20.35 22.74
CA VAL A 110 -7.03 -20.95 21.48
C VAL A 110 -6.29 -22.26 21.69
N GLN A 111 -6.39 -22.85 22.88
CA GLN A 111 -5.64 -24.06 23.17
C GLN A 111 -6.13 -25.21 22.31
N GLY A 112 -5.17 -25.96 21.76
CA GLY A 112 -5.48 -27.04 20.86
C GLY A 112 -5.74 -26.64 19.42
N MET A 113 -5.68 -25.33 19.12
CA MET A 113 -5.86 -24.88 17.75
C MET A 113 -4.55 -25.00 16.97
N ILE A 114 -4.68 -24.99 15.64
CA ILE A 114 -3.51 -25.04 14.77
C ILE A 114 -2.80 -23.69 14.85
N ARG A 115 -1.52 -23.71 15.21
CA ARG A 115 -0.74 -22.52 15.47
C ARG A 115 0.02 -22.00 14.24
N GLY A 116 -0.33 -22.48 13.04
CA GLY A 116 0.47 -22.15 11.88
C GLY A 116 0.19 -20.77 11.34
N THR A 117 1.24 -20.16 10.80
CA THR A 117 1.16 -18.85 10.16
C THR A 117 1.24 -18.93 8.65
N ALA A 118 1.54 -20.10 8.08
CA ALA A 118 1.62 -20.27 6.63
C ALA A 118 2.54 -19.22 5.99
N ASN A 119 3.63 -18.90 6.69
CA ASN A 119 4.44 -17.74 6.34
C ASN A 119 5.74 -18.10 5.63
N THR A 120 5.98 -19.38 5.31
CA THR A 120 7.28 -19.80 4.82
C THR A 120 7.33 -20.03 3.32
N ASN A 121 6.33 -20.68 2.72
CA ASN A 121 6.38 -20.95 1.30
C ASN A 121 4.99 -21.03 0.71
N VAL A 122 4.88 -20.63 -0.56
CA VAL A 122 3.64 -20.65 -1.32
C VAL A 122 3.96 -21.17 -2.71
N MET A 123 3.21 -22.19 -3.15
CA MET A 123 3.51 -22.89 -4.38
C MET A 123 2.22 -23.37 -5.00
N VAL A 124 2.11 -23.21 -6.32
CA VAL A 124 0.93 -23.68 -7.04
C VAL A 124 1.05 -25.18 -7.25
N HIS A 125 0.00 -25.91 -6.87
CA HIS A 125 -0.08 -27.34 -7.14
C HIS A 125 -1.54 -27.74 -7.25
N ALA A 126 -1.84 -28.58 -8.23
CA ALA A 126 -3.18 -29.11 -8.46
C ALA A 126 -4.20 -27.98 -8.53
N GLY A 127 -3.88 -26.97 -9.36
CA GLY A 127 -4.78 -25.87 -9.60
C GLY A 127 -5.02 -24.94 -8.44
N LYS A 128 -4.35 -25.15 -7.30
CA LYS A 128 -4.54 -24.35 -6.10
C LYS A 128 -3.18 -23.84 -5.62
N LEU A 129 -3.21 -23.06 -4.55
CA LEU A 129 -1.99 -22.52 -3.96
C LEU A 129 -1.78 -23.17 -2.60
N TYR A 130 -0.64 -23.83 -2.43
CA TYR A 130 -0.28 -24.47 -1.17
C TYR A 130 0.53 -23.49 -0.35
N ALA A 131 0.01 -23.11 0.82
CA ALA A 131 0.68 -22.19 1.73
C ALA A 131 1.07 -22.99 2.97
N MET A 132 2.37 -22.98 3.30
CA MET A 132 2.96 -23.99 4.17
C MET A 132 3.68 -23.37 5.36
N LYS A 133 3.60 -24.07 6.49
CA LYS A 133 4.40 -23.76 7.68
C LYS A 133 4.67 -25.08 8.41
N GLU A 134 5.94 -25.30 8.76
CA GLU A 134 6.40 -26.61 9.23
C GLU A 134 5.46 -27.22 10.27
N ASP A 135 5.01 -26.43 11.24
CA ASP A 135 4.34 -26.98 12.41
C ASP A 135 2.87 -27.26 12.18
N SER A 136 2.39 -27.11 10.94
CA SER A 136 0.95 -27.14 10.70
C SER A 136 0.62 -27.83 9.38
N PRO A 137 -0.63 -28.18 9.14
CA PRO A 137 -1.01 -28.74 7.85
C PRO A 137 -0.80 -27.75 6.73
N CYS A 138 -0.96 -28.26 5.50
CA CYS A 138 -0.92 -27.39 4.33
C CYS A 138 -2.18 -26.55 4.28
N LEU A 139 -2.02 -25.28 3.96
CA LEU A 139 -3.13 -24.35 3.79
C LEU A 139 -3.41 -24.17 2.31
N ILE A 140 -4.70 -24.21 1.94
CA ILE A 140 -5.13 -24.15 0.55
C ILE A 140 -5.69 -22.77 0.30
N MET A 141 -5.16 -22.09 -0.72
CA MET A 141 -5.62 -20.78 -1.13
C MET A 141 -5.89 -20.80 -2.62
N ASP A 142 -6.55 -19.74 -3.10
CA ASP A 142 -6.79 -19.59 -4.53
C ASP A 142 -5.58 -18.91 -5.17
N PRO A 143 -5.04 -19.44 -6.26
CA PRO A 143 -3.79 -18.86 -6.80
C PRO A 143 -3.96 -17.46 -7.37
N LEU A 144 -5.17 -17.04 -7.72
CA LEU A 144 -5.38 -15.75 -8.36
C LEU A 144 -6.06 -14.73 -7.49
N THR A 145 -7.06 -15.12 -6.68
CA THR A 145 -7.70 -14.21 -5.75
C THR A 145 -6.97 -14.13 -4.41
N LEU A 146 -6.16 -15.13 -4.09
CA LEU A 146 -5.51 -15.25 -2.78
C LEU A 146 -6.52 -15.40 -1.65
N GLU A 147 -7.74 -15.81 -1.99
CA GLU A 147 -8.67 -16.26 -0.97
C GLU A 147 -8.16 -17.54 -0.31
N THR A 148 -8.54 -17.73 0.95
CA THR A 148 -8.14 -18.90 1.71
C THR A 148 -9.32 -19.86 1.80
N GLU A 149 -9.05 -21.14 1.58
CA GLU A 149 -10.07 -22.17 1.71
C GLU A 149 -9.96 -22.94 3.02
N GLY A 150 -8.74 -23.14 3.51
CA GLY A 150 -8.52 -23.74 4.81
C GLY A 150 -7.43 -24.80 4.76
N TYR A 151 -7.09 -25.30 5.93
CA TYR A 151 -6.17 -26.41 6.03
C TYR A 151 -6.79 -27.65 5.40
N THR A 152 -5.92 -28.55 4.93
CA THR A 152 -6.34 -29.76 4.25
C THR A 152 -5.63 -30.97 4.83
N ASN A 153 -6.36 -32.09 4.88
CA ASN A 153 -5.78 -33.40 5.12
C ASN A 153 -5.89 -34.29 3.89
N PHE A 154 -6.11 -33.68 2.73
CA PHE A 154 -6.22 -34.40 1.46
C PHE A 154 -7.28 -35.50 1.56
N ASP A 155 -8.52 -35.03 1.69
CA ASP A 155 -9.71 -35.89 1.78
C ASP A 155 -9.56 -36.93 2.89
N GLY A 156 -9.09 -36.46 4.05
CA GLY A 156 -8.99 -37.30 5.23
C GLY A 156 -7.95 -38.38 5.17
N LYS A 157 -7.13 -38.44 4.10
CA LYS A 157 -6.17 -39.52 3.95
C LYS A 157 -4.89 -39.26 4.73
N LEU A 158 -4.41 -38.01 4.74
CA LEU A 158 -3.14 -37.70 5.37
C LEU A 158 -3.27 -37.82 6.89
N GLN A 159 -2.38 -38.60 7.49
CA GLN A 159 -2.37 -38.77 8.94
C GLN A 159 -1.50 -37.75 9.65
N SER A 160 -0.55 -37.14 8.94
CA SER A 160 0.43 -36.28 9.59
C SER A 160 -0.20 -34.98 10.06
N GLN A 161 0.13 -34.57 11.29
CA GLN A 161 -0.36 -33.30 11.81
C GLN A 161 0.35 -32.11 11.19
N THR A 162 1.48 -32.33 10.53
CA THR A 162 2.29 -31.26 9.96
C THR A 162 2.53 -31.52 8.48
N PHE A 163 3.20 -30.55 7.84
CA PHE A 163 3.43 -30.60 6.40
C PHE A 163 4.58 -29.64 6.11
N CYS A 164 5.65 -30.13 5.50
CA CYS A 164 6.83 -29.31 5.29
C CYS A 164 6.52 -28.12 4.37
N ALA A 165 7.43 -27.14 4.37
CA ALA A 165 7.31 -25.96 3.54
C ALA A 165 8.32 -25.97 2.38
N HIS A 166 8.95 -27.11 2.10
CA HIS A 166 9.98 -27.20 1.06
C HIS A 166 9.76 -28.44 0.21
N PRO A 167 8.59 -28.57 -0.41
CA PRO A 167 8.36 -29.70 -1.30
C PRO A 167 9.04 -29.49 -2.65
N LYS A 168 9.31 -30.60 -3.32
CA LYS A 168 9.86 -30.59 -4.67
C LYS A 168 8.83 -31.18 -5.62
N ILE A 169 8.85 -30.71 -6.86
CA ILE A 169 7.96 -31.23 -7.90
C ILE A 169 8.75 -32.22 -8.73
N ASP A 170 8.30 -33.47 -8.73
CA ASP A 170 8.92 -34.48 -9.56
C ASP A 170 8.75 -34.10 -11.02
N PRO A 171 9.83 -33.87 -11.78
CA PRO A 171 9.69 -33.42 -13.17
C PRO A 171 9.14 -34.47 -14.12
N VAL A 172 8.95 -35.70 -13.67
CA VAL A 172 8.43 -36.78 -14.51
C VAL A 172 6.96 -37.06 -14.21
N THR A 173 6.64 -37.34 -12.95
CA THR A 173 5.27 -37.66 -12.57
C THR A 173 4.42 -36.42 -12.32
N GLY A 174 5.04 -35.27 -12.03
CA GLY A 174 4.30 -34.10 -11.62
C GLY A 174 3.83 -34.12 -10.18
N ASN A 175 4.26 -35.11 -9.41
CA ASN A 175 3.82 -35.22 -8.02
C ASN A 175 4.48 -34.15 -7.15
N LEU A 176 3.72 -33.64 -6.19
CA LEU A 176 4.25 -32.82 -5.13
C LEU A 176 4.90 -33.75 -4.11
N CYS A 177 6.21 -33.60 -3.89
CA CYS A 177 6.98 -34.48 -3.00
C CYS A 177 7.31 -33.69 -1.75
N ALA A 178 6.77 -34.13 -0.62
CA ALA A 178 6.87 -33.41 0.64
C ALA A 178 7.32 -34.37 1.73
N PHE A 179 7.45 -33.83 2.94
CA PHE A 179 7.70 -34.63 4.13
C PHE A 179 7.06 -33.93 5.32
N ALA A 180 7.30 -34.47 6.51
CA ALA A 180 6.74 -33.90 7.73
C ALA A 180 7.56 -34.37 8.91
N TYR A 181 7.78 -33.48 9.88
CA TYR A 181 8.42 -33.86 11.13
C TYR A 181 7.54 -33.42 12.29
N GLY A 182 7.75 -34.04 13.44
CA GLY A 182 6.79 -33.95 14.52
C GLY A 182 5.39 -34.29 14.07
N ALA A 183 5.25 -35.33 13.25
CA ALA A 183 3.99 -35.63 12.58
C ALA A 183 2.88 -36.04 13.54
N LYS A 184 3.21 -36.35 14.79
CA LYS A 184 2.21 -36.64 15.81
C LYS A 184 2.19 -35.57 16.90
N GLY A 185 2.55 -34.35 16.54
CA GLY A 185 2.60 -33.24 17.47
C GLY A 185 4.03 -32.83 17.78
N LEU A 186 4.13 -31.74 18.53
CA LEU A 186 5.43 -31.20 18.87
C LEU A 186 6.24 -32.20 19.70
N MET A 187 7.55 -32.22 19.46
CA MET A 187 8.54 -33.04 20.15
C MET A 187 8.47 -34.52 19.79
N THR A 188 7.60 -34.93 18.86
CA THR A 188 7.51 -36.32 18.47
C THR A 188 8.53 -36.65 17.38
N LEU A 189 9.19 -37.80 17.51
CA LEU A 189 10.17 -38.25 16.52
C LEU A 189 9.53 -38.71 15.22
N ASP A 190 8.20 -38.76 15.15
CA ASP A 190 7.53 -39.29 13.98
C ASP A 190 7.81 -38.42 12.75
N MET A 191 8.17 -39.08 11.65
CA MET A 191 8.42 -38.45 10.36
C MET A 191 7.52 -39.08 9.31
N ALA A 192 7.48 -38.45 8.14
CA ALA A 192 6.72 -39.00 7.03
C ALA A 192 7.24 -38.44 5.71
N TYR A 193 7.40 -39.32 4.73
CA TYR A 193 7.61 -38.91 3.34
C TYR A 193 6.26 -38.95 2.63
N ILE A 194 5.94 -37.86 1.95
CA ILE A 194 4.61 -37.65 1.39
C ILE A 194 4.75 -37.39 -0.10
N GLU A 195 3.77 -37.88 -0.88
CA GLU A 195 3.63 -37.51 -2.27
C GLU A 195 2.17 -37.22 -2.56
N ILE A 196 1.92 -36.16 -3.33
CA ILE A 196 0.59 -35.73 -3.70
C ILE A 196 0.50 -35.72 -5.21
N SER A 197 -0.56 -36.33 -5.75
CA SER A 197 -0.72 -36.43 -7.19
C SER A 197 -0.93 -35.05 -7.81
N PRO A 198 -0.82 -34.93 -9.14
CA PRO A 198 -1.04 -33.64 -9.78
C PRO A 198 -2.48 -33.14 -9.69
N THR A 199 -3.36 -33.94 -9.10
CA THR A 199 -4.74 -33.54 -8.86
C THR A 199 -5.05 -33.38 -7.37
N GLY A 200 -4.05 -33.48 -6.51
CA GLY A 200 -4.24 -33.24 -5.09
C GLY A 200 -4.50 -34.48 -4.25
N LYS A 201 -4.46 -35.67 -4.82
CA LYS A 201 -4.74 -36.89 -4.09
C LYS A 201 -3.47 -37.39 -3.42
N LEU A 202 -3.61 -37.82 -2.16
CA LEU A 202 -2.49 -38.39 -1.44
C LEU A 202 -2.15 -39.75 -2.03
N LEU A 203 -0.92 -39.89 -2.51
CA LEU A 203 -0.46 -41.13 -3.11
C LEU A 203 0.31 -42.01 -2.12
N LYS A 204 1.11 -41.42 -1.24
CA LYS A 204 1.81 -42.21 -0.25
C LYS A 204 2.21 -41.33 0.93
N GLU A 205 2.19 -41.93 2.11
CA GLU A 205 2.61 -41.30 3.36
C GLU A 205 3.40 -42.35 4.12
N ILE A 206 4.72 -42.31 3.99
CA ILE A 206 5.60 -43.36 4.49
C ILE A 206 6.16 -42.91 5.83
N PRO A 207 5.73 -43.47 6.96
CA PRO A 207 6.26 -43.03 8.25
C PRO A 207 7.58 -43.67 8.59
N PHE A 208 8.39 -42.93 9.34
CA PHE A 208 9.62 -43.44 9.91
C PHE A 208 9.97 -42.58 11.11
N GLN A 209 11.02 -42.97 11.83
CA GLN A 209 11.45 -42.28 13.03
C GLN A 209 12.72 -41.49 12.76
N ASN A 210 12.86 -40.36 13.46
CA ASN A 210 14.01 -39.49 13.31
C ASN A 210 15.04 -39.77 14.40
N PRO A 211 16.33 -39.58 14.13
CA PRO A 211 17.35 -39.89 15.15
C PRO A 211 17.15 -39.14 16.45
N TYR A 212 16.58 -37.94 16.39
CA TYR A 212 16.23 -37.18 17.59
C TYR A 212 15.30 -36.06 17.13
N TYR A 213 14.68 -35.38 18.09
CA TYR A 213 13.76 -34.31 17.74
C TYR A 213 14.56 -33.05 17.45
N CYS A 214 14.46 -32.59 16.21
CA CYS A 214 15.23 -31.46 15.73
C CYS A 214 14.45 -30.79 14.63
N MET A 215 14.90 -29.61 14.24
CA MET A 215 14.33 -28.96 13.07
C MET A 215 14.65 -29.76 11.82
N MET A 216 13.62 -30.09 11.05
CA MET A 216 13.77 -30.70 9.73
C MET A 216 13.12 -29.74 8.75
N HIS A 217 13.87 -28.70 8.36
CA HIS A 217 13.31 -27.62 7.55
C HIS A 217 13.23 -28.01 6.07
N ASP A 218 14.31 -28.53 5.52
CA ASP A 218 14.38 -28.83 4.10
C ASP A 218 14.86 -30.26 3.92
N PHE A 219 14.66 -30.77 2.70
CA PHE A 219 15.09 -32.12 2.36
C PHE A 219 15.34 -32.18 0.86
N GLY A 220 15.89 -33.31 0.42
CA GLY A 220 16.16 -33.55 -0.98
C GLY A 220 15.31 -34.70 -1.49
N VAL A 221 15.00 -34.65 -2.79
CA VAL A 221 14.35 -35.74 -3.49
C VAL A 221 15.16 -36.05 -4.73
N THR A 222 15.50 -37.32 -4.91
CA THR A 222 16.18 -37.79 -6.10
C THR A 222 15.25 -38.71 -6.88
N GLU A 223 15.73 -39.23 -8.00
CA GLU A 223 14.90 -40.11 -8.81
C GLU A 223 14.43 -41.32 -8.01
N ASP A 224 15.28 -41.85 -7.14
CA ASP A 224 14.99 -43.08 -6.42
C ASP A 224 14.85 -42.91 -4.91
N TYR A 225 15.31 -41.79 -4.35
CA TYR A 225 15.40 -41.67 -2.90
C TYR A 225 14.87 -40.33 -2.41
N ALA A 226 14.38 -40.33 -1.17
CA ALA A 226 14.20 -39.13 -0.39
C ALA A 226 15.36 -38.99 0.57
N VAL A 227 15.84 -37.76 0.74
CA VAL A 227 17.08 -37.48 1.46
C VAL A 227 16.76 -36.52 2.60
N PHE A 228 17.12 -36.91 3.82
CA PHE A 228 16.76 -36.17 5.04
C PHE A 228 18.03 -35.80 5.78
N ALA A 229 18.35 -34.51 5.82
CA ALA A 229 19.51 -34.01 6.55
C ALA A 229 19.09 -33.73 7.99
N VAL A 230 19.84 -34.30 8.95
CA VAL A 230 19.52 -34.20 10.36
C VAL A 230 20.66 -33.48 11.05
N MET A 231 20.37 -32.31 11.61
CA MET A 231 21.34 -31.58 12.42
C MET A 231 20.83 -31.39 13.83
N PRO A 232 21.72 -31.34 14.83
CA PRO A 232 21.28 -31.26 16.23
C PRO A 232 20.80 -29.87 16.63
N LEU A 233 19.78 -29.39 15.93
CA LEU A 233 19.06 -28.18 16.34
C LEU A 233 17.85 -28.68 17.14
N LEU A 234 18.05 -28.79 18.45
CA LEU A 234 17.19 -29.60 19.31
C LEU A 234 16.10 -28.78 19.98
N SER A 235 15.04 -29.47 20.35
CA SER A 235 13.98 -28.89 21.18
C SER A 235 13.43 -29.95 22.10
N SER A 236 13.02 -29.53 23.29
CA SER A 236 12.37 -30.42 24.24
C SER A 236 11.29 -29.63 24.98
N TRP A 237 10.31 -30.35 25.52
CA TRP A 237 9.33 -29.71 26.38
C TRP A 237 9.99 -28.93 27.51
N ASP A 238 11.13 -29.42 27.99
CA ASP A 238 11.84 -28.73 29.06
C ASP A 238 12.23 -27.32 28.65
N ARG A 239 12.71 -27.15 27.41
CA ARG A 239 13.06 -25.82 26.92
C ARG A 239 11.87 -24.87 27.00
N LEU A 240 10.68 -25.35 26.62
CA LEU A 240 9.50 -24.49 26.64
C LEU A 240 9.08 -24.15 28.07
N GLU A 241 9.27 -25.07 29.02
CA GLU A 241 8.91 -24.78 30.40
C GLU A 241 9.76 -23.67 30.97
N GLN A 242 11.06 -23.66 30.66
CA GLN A 242 11.96 -22.60 31.06
C GLN A 242 11.82 -21.34 30.19
N ARG A 243 10.82 -21.30 29.32
CA ARG A 243 10.58 -20.14 28.47
C ARG A 243 11.83 -19.77 27.67
N LEU A 244 12.56 -20.79 27.23
CA LEU A 244 13.65 -20.58 26.30
C LEU A 244 13.15 -20.65 24.87
N PRO A 245 13.91 -20.12 23.91
CA PRO A 245 13.56 -20.30 22.51
C PRO A 245 13.42 -21.79 22.19
N PHE A 246 12.47 -22.09 21.30
CA PHE A 246 12.13 -23.48 20.99
C PHE A 246 13.37 -24.31 20.68
N PHE A 247 14.22 -23.83 19.78
CA PHE A 247 15.36 -24.60 19.29
C PHE A 247 16.65 -24.17 19.98
N GLY A 248 17.53 -25.14 20.22
CA GLY A 248 18.86 -24.87 20.73
C GLY A 248 19.90 -25.78 20.09
N PHE A 249 20.85 -25.18 19.37
CA PHE A 249 21.83 -25.97 18.63
C PHE A 249 22.84 -26.58 19.58
N ASP A 250 23.18 -27.85 19.33
CA ASP A 250 24.15 -28.58 20.14
C ASP A 250 25.40 -28.85 19.31
N THR A 251 26.52 -28.29 19.76
CA THR A 251 27.79 -28.40 19.04
C THR A 251 28.43 -29.78 19.16
N THR A 252 27.97 -30.63 20.07
CA THR A 252 28.66 -31.88 20.36
C THR A 252 28.03 -33.10 19.69
N LEU A 253 26.88 -32.94 19.05
CA LEU A 253 26.26 -34.11 18.46
C LEU A 253 26.54 -34.16 16.96
N PRO A 254 26.54 -35.36 16.37
CA PRO A 254 26.81 -35.48 14.94
C PRO A 254 25.56 -35.17 14.12
N CYS A 255 25.75 -35.07 12.81
CA CYS A 255 24.66 -34.92 11.87
C CYS A 255 24.48 -36.22 11.09
N TYR A 256 23.28 -36.42 10.58
CA TYR A 256 22.94 -37.63 9.86
C TYR A 256 22.38 -37.27 8.48
N LEU A 257 22.50 -38.24 7.58
CA LEU A 257 21.84 -38.19 6.28
C LEU A 257 21.06 -39.48 6.12
N GLY A 258 19.72 -39.37 6.07
CA GLY A 258 18.85 -40.51 5.95
C GLY A 258 18.33 -40.64 4.54
N ILE A 259 18.62 -41.77 3.90
CA ILE A 259 18.21 -42.03 2.53
C ILE A 259 17.09 -43.06 2.57
N LEU A 260 15.92 -42.67 2.05
CA LEU A 260 14.73 -43.51 2.04
C LEU A 260 14.35 -43.82 0.61
N PRO A 261 14.34 -45.08 0.17
CA PRO A 261 13.83 -45.39 -1.16
C PRO A 261 12.39 -44.95 -1.31
N ARG A 262 12.12 -44.16 -2.35
CA ARG A 262 10.81 -43.54 -2.51
C ARG A 262 9.70 -44.57 -2.56
N ASN A 263 9.98 -45.77 -3.08
CA ASN A 263 8.97 -46.82 -3.17
C ASN A 263 9.17 -47.90 -2.11
N GLY A 264 9.83 -47.57 -1.00
CA GLY A 264 10.05 -48.51 0.08
C GLY A 264 9.36 -48.07 1.36
N ASP A 265 9.90 -48.47 2.51
CA ASP A 265 9.36 -48.08 3.79
C ASP A 265 10.51 -47.93 4.79
N ALA A 266 10.15 -47.73 6.07
CA ALA A 266 11.15 -47.35 7.07
C ALA A 266 12.25 -48.39 7.20
N ARG A 267 11.95 -49.67 6.93
CA ARG A 267 12.98 -50.70 7.04
C ARG A 267 14.07 -50.53 5.99
N ASP A 268 13.73 -49.94 4.85
CA ASP A 268 14.67 -49.74 3.76
C ASP A 268 15.50 -48.47 3.93
N LEU A 269 15.28 -47.70 4.99
CA LEU A 269 15.96 -46.43 5.15
C LEU A 269 17.33 -46.64 5.79
N ARG A 270 18.34 -46.01 5.21
CA ARG A 270 19.71 -46.10 5.72
C ARG A 270 20.16 -44.75 6.23
N TRP A 271 20.79 -44.76 7.41
CA TRP A 271 21.31 -43.56 8.05
C TRP A 271 22.82 -43.51 7.90
N PHE A 272 23.33 -42.39 7.40
CA PHE A 272 24.76 -42.11 7.35
C PHE A 272 25.07 -40.96 8.30
N LYS A 273 26.27 -40.97 8.86
CA LYS A 273 26.64 -40.04 9.92
C LYS A 273 27.88 -39.26 9.52
N THR A 274 27.93 -38.00 9.94
CA THR A 274 29.07 -37.13 9.65
C THR A 274 29.26 -36.19 10.84
N GLY A 275 30.18 -35.23 10.68
CA GLY A 275 30.52 -34.35 11.77
C GLY A 275 29.48 -33.28 12.05
N ASN A 276 29.58 -32.70 13.23
CA ASN A 276 28.67 -31.65 13.64
C ASN A 276 28.77 -30.45 12.71
N CYS A 277 27.62 -29.88 12.37
CA CYS A 277 27.56 -28.68 11.53
C CYS A 277 26.11 -28.24 11.45
N PHE A 278 25.90 -27.08 10.84
CA PHE A 278 24.57 -26.53 10.61
C PHE A 278 24.28 -26.59 9.12
N VAL A 279 23.12 -27.11 8.77
CA VAL A 279 22.73 -27.33 7.38
C VAL A 279 21.66 -26.31 7.00
N GLY A 280 21.72 -25.84 5.75
CA GLY A 280 20.76 -24.88 5.25
C GLY A 280 19.89 -25.41 4.14
N HIS A 281 19.42 -24.52 3.28
CA HIS A 281 18.46 -24.89 2.25
C HIS A 281 19.10 -25.79 1.19
N VAL A 282 18.28 -26.65 0.61
CA VAL A 282 18.75 -27.60 -0.40
C VAL A 282 18.63 -26.96 -1.78
N MET A 283 19.76 -26.79 -2.45
CA MET A 283 19.74 -26.37 -3.85
C MET A 283 19.09 -27.42 -4.72
N ASN A 284 19.62 -28.65 -4.67
CA ASN A 284 19.02 -29.77 -5.39
C ASN A 284 19.64 -31.05 -4.85
N ALA A 285 19.07 -32.17 -5.27
CA ALA A 285 19.62 -33.48 -4.94
C ALA A 285 19.36 -34.40 -6.12
N PHE A 286 20.21 -35.42 -6.26
CA PHE A 286 20.04 -36.42 -7.30
C PHE A 286 20.88 -37.63 -6.95
N ASN A 287 20.58 -38.76 -7.59
CA ASN A 287 21.33 -39.98 -7.39
C ASN A 287 21.87 -40.48 -8.72
N ASP A 288 23.09 -41.02 -8.66
CA ASP A 288 23.75 -41.68 -9.80
C ASP A 288 23.88 -43.14 -9.39
N GLY A 289 22.90 -43.95 -9.79
CA GLY A 289 22.83 -45.30 -9.28
C GLY A 289 22.56 -45.29 -7.78
N THR A 290 23.45 -45.91 -7.00
CA THR A 290 23.29 -45.94 -5.56
C THR A 290 24.01 -44.80 -4.87
N LYS A 291 24.71 -43.93 -5.60
CA LYS A 291 25.36 -42.77 -5.01
C LYS A 291 24.40 -41.59 -5.01
N VAL A 292 24.22 -40.98 -3.83
CA VAL A 292 23.28 -39.90 -3.63
C VAL A 292 24.06 -38.63 -3.32
N HIS A 293 23.78 -37.57 -4.09
CA HIS A 293 24.38 -36.26 -3.89
C HIS A 293 23.31 -35.28 -3.44
N ILE A 294 23.67 -34.42 -2.50
CA ILE A 294 22.79 -33.34 -2.04
C ILE A 294 23.63 -32.10 -1.81
N ASP A 295 23.20 -30.98 -2.39
CA ASP A 295 23.91 -29.71 -2.30
C ASP A 295 23.13 -28.74 -1.42
N MET A 296 23.82 -28.16 -0.44
CA MET A 296 23.18 -27.27 0.51
C MET A 296 24.26 -26.45 1.20
N PRO A 297 23.98 -25.19 1.56
CA PRO A 297 24.92 -24.45 2.40
C PRO A 297 25.14 -25.14 3.74
N VAL A 298 26.40 -25.22 4.15
CA VAL A 298 26.78 -25.81 5.42
C VAL A 298 27.62 -24.79 6.18
N SER A 299 27.33 -24.62 7.46
CA SER A 299 28.07 -23.71 8.32
C SER A 299 28.35 -24.42 9.64
N ARG A 300 29.14 -23.76 10.48
CA ARG A 300 29.46 -24.32 11.79
C ARG A 300 28.33 -24.09 12.79
N ASN A 301 27.60 -22.99 12.67
CA ASN A 301 26.48 -22.71 13.56
C ASN A 301 25.38 -21.98 12.78
N ASN A 302 24.30 -21.68 13.49
CA ASN A 302 23.10 -21.09 12.88
C ASN A 302 23.42 -19.95 11.93
N SER A 303 22.93 -20.07 10.70
CA SER A 303 23.04 -19.03 9.69
C SER A 303 21.71 -18.38 9.33
N PHE A 304 20.59 -19.04 9.62
CA PHE A 304 19.28 -18.64 9.11
C PHE A 304 18.98 -17.17 9.35
N ASP A 315 26.86 -15.53 16.14
CA ASP A 315 28.22 -15.48 15.59
C ASP A 315 28.16 -15.43 14.07
N PRO A 316 28.43 -14.24 13.48
CA PRO A 316 28.39 -14.16 12.02
C PRO A 316 29.42 -15.03 11.32
N VAL A 317 30.60 -15.23 11.92
CA VAL A 317 31.63 -16.03 11.29
C VAL A 317 31.24 -17.50 11.30
N ALA A 318 30.69 -17.98 12.42
CA ALA A 318 30.22 -19.36 12.49
C ALA A 318 29.00 -19.56 11.60
N GLY A 319 28.19 -18.53 11.40
CA GLY A 319 27.01 -18.61 10.57
C GLY A 319 27.26 -18.51 9.09
N GLN A 320 28.52 -18.41 8.66
CA GLN A 320 28.85 -18.38 7.24
C GLN A 320 28.64 -19.76 6.66
N GLY A 321 27.60 -19.92 5.85
CA GLY A 321 27.32 -21.17 5.17
C GLY A 321 27.86 -21.14 3.75
N PHE A 322 28.42 -22.27 3.33
CA PHE A 322 28.97 -22.42 1.99
C PHE A 322 28.31 -23.59 1.29
N LEU A 323 27.87 -23.36 0.07
CA LEU A 323 27.26 -24.42 -0.73
C LEU A 323 28.18 -25.64 -0.76
N THR A 324 27.68 -26.75 -0.23
CA THR A 324 28.47 -27.96 -0.05
C THR A 324 27.71 -29.16 -0.57
N ARG A 325 28.43 -30.10 -1.17
CA ARG A 325 27.85 -31.36 -1.65
C ARG A 325 28.18 -32.48 -0.66
N TRP A 326 27.16 -33.25 -0.30
CA TRP A 326 27.32 -34.45 0.51
C TRP A 326 27.03 -35.67 -0.36
N THR A 327 27.90 -36.67 -0.28
CA THR A 327 27.78 -37.87 -1.09
C THR A 327 27.80 -39.10 -0.19
N VAL A 328 26.80 -39.96 -0.35
CA VAL A 328 26.76 -41.27 0.27
C VAL A 328 26.45 -42.30 -0.81
N ASP A 329 26.79 -43.55 -0.54
CA ASP A 329 26.53 -44.65 -1.46
C ASP A 329 25.66 -45.68 -0.77
N MET A 330 24.51 -45.98 -1.36
CA MET A 330 23.62 -46.99 -0.79
C MET A 330 24.18 -48.40 -0.95
N ALA A 331 25.06 -48.63 -1.93
CA ALA A 331 25.67 -49.93 -2.08
C ALA A 331 26.73 -50.22 -1.02
N SER A 332 27.22 -49.19 -0.33
CA SER A 332 28.29 -49.38 0.63
C SER A 332 27.75 -49.99 1.91
N ASN A 333 28.67 -50.46 2.75
CA ASN A 333 28.35 -50.93 4.08
C ASN A 333 28.73 -49.87 5.11
N GLY A 334 27.99 -49.82 6.19
CA GLY A 334 28.26 -48.89 7.26
C GLY A 334 27.53 -47.57 7.08
N ASP A 335 28.03 -46.54 7.77
CA ASP A 335 27.39 -45.24 7.82
C ASP A 335 28.39 -44.12 7.61
N SER A 336 29.38 -44.34 6.76
CA SER A 336 30.35 -43.31 6.41
C SER A 336 29.92 -42.62 5.13
N PHE A 337 30.12 -41.31 5.08
CA PHE A 337 30.00 -40.60 3.81
C PHE A 337 31.07 -41.07 2.85
N GLU A 338 30.86 -40.79 1.57
CA GLU A 338 31.93 -40.97 0.60
C GLU A 338 32.71 -39.69 0.38
N LYS A 339 32.03 -38.55 0.33
CA LYS A 339 32.65 -37.28 0.01
C LYS A 339 31.87 -36.15 0.67
N THR A 340 32.59 -35.09 1.04
CA THR A 340 32.01 -33.80 1.35
C THR A 340 32.86 -32.76 0.64
N GLU A 341 32.23 -31.92 -0.18
CA GLU A 341 32.97 -31.00 -1.04
C GLU A 341 32.29 -29.65 -1.04
N ARG A 342 33.05 -28.61 -0.69
CA ARG A 342 32.57 -27.24 -0.83
C ARG A 342 32.49 -26.88 -2.30
N LEU A 343 31.32 -26.39 -2.73
CA LEU A 343 31.07 -26.04 -4.12
C LEU A 343 31.23 -24.56 -4.42
N PHE A 344 31.27 -23.71 -3.39
CA PHE A 344 31.32 -22.27 -3.58
C PHE A 344 31.96 -21.67 -2.34
N ASP A 345 32.85 -20.70 -2.55
CA ASP A 345 33.68 -20.16 -1.48
C ASP A 345 33.15 -18.85 -0.91
N ARG A 346 31.95 -18.43 -1.29
CA ARG A 346 31.40 -17.21 -0.72
C ARG A 346 30.16 -17.53 0.12
N PRO A 347 30.00 -16.88 1.28
CA PRO A 347 28.80 -17.12 2.09
C PRO A 347 27.53 -16.91 1.27
N ASP A 348 26.67 -17.93 1.27
CA ASP A 348 25.52 -17.94 0.37
C ASP A 348 24.37 -18.69 1.02
N GLU A 349 23.15 -18.39 0.55
CA GLU A 349 21.96 -19.09 0.99
C GLU A 349 20.87 -18.91 -0.06
N PHE A 350 19.66 -19.36 0.26
CA PHE A 350 18.52 -19.30 -0.65
C PHE A 350 18.89 -19.77 -2.05
N PRO A 351 19.33 -21.01 -2.21
CA PRO A 351 19.71 -21.51 -3.53
C PRO A 351 18.51 -21.84 -4.40
N ARG A 352 18.72 -21.76 -5.71
CA ARG A 352 17.68 -22.00 -6.68
C ARG A 352 18.28 -22.66 -7.92
N ILE A 353 17.41 -23.38 -8.65
CA ILE A 353 17.81 -24.09 -9.85
C ILE A 353 16.71 -23.94 -10.89
N ASP A 354 17.04 -24.31 -12.12
CA ASP A 354 16.04 -24.64 -13.12
C ASP A 354 15.29 -25.89 -12.63
N GLU A 355 14.08 -25.71 -12.11
CA GLU A 355 13.39 -26.82 -11.47
C GLU A 355 12.89 -27.86 -12.46
N ARG A 356 13.03 -27.61 -13.76
CA ARG A 356 12.85 -28.67 -14.74
C ARG A 356 13.88 -29.78 -14.55
N TYR A 357 14.97 -29.50 -13.81
CA TYR A 357 16.00 -30.47 -13.51
C TYR A 357 16.01 -30.87 -12.04
N ALA A 358 14.95 -30.55 -11.31
CA ALA A 358 14.87 -30.95 -9.90
C ALA A 358 14.88 -32.47 -9.79
N THR A 359 15.56 -32.95 -8.74
CA THR A 359 15.76 -34.37 -8.48
C THR A 359 16.72 -35.03 -9.46
N ARG A 360 17.20 -34.31 -10.47
CA ARG A 360 18.07 -34.88 -11.49
C ARG A 360 19.40 -34.15 -11.50
N ALA A 361 20.35 -34.74 -12.21
CA ALA A 361 21.65 -34.11 -12.40
C ALA A 361 21.47 -32.76 -13.05
N TYR A 362 22.23 -31.77 -12.56
CA TYR A 362 22.07 -30.39 -12.98
C TYR A 362 23.41 -29.68 -12.84
N ARG A 363 23.45 -28.44 -13.32
CA ARG A 363 24.66 -27.64 -13.24
C ARG A 363 24.44 -26.17 -12.92
N HIS A 364 23.24 -25.62 -13.14
CA HIS A 364 23.00 -24.19 -12.96
C HIS A 364 22.30 -23.93 -11.64
N GLY A 365 22.87 -23.04 -10.85
CA GLY A 365 22.27 -22.64 -9.59
C GLY A 365 22.37 -21.14 -9.41
N TRP A 366 21.39 -20.60 -8.68
CA TRP A 366 21.39 -19.20 -8.28
C TRP A 366 21.25 -19.10 -6.78
N MET A 367 21.73 -18.00 -6.23
CA MET A 367 21.87 -17.89 -4.78
C MET A 367 21.96 -16.43 -4.40
N LEU A 368 21.72 -16.17 -3.11
CA LEU A 368 22.01 -14.89 -2.52
C LEU A 368 23.36 -14.98 -1.82
N ILE A 369 24.15 -13.92 -1.96
CA ILE A 369 25.51 -13.86 -1.43
C ILE A 369 25.62 -12.68 -0.48
N LEU A 370 26.24 -12.90 0.67
CA LEU A 370 26.47 -11.87 1.66
C LEU A 370 27.89 -11.33 1.46
N ASP A 371 27.99 -10.18 0.82
CA ASP A 371 29.28 -9.56 0.51
C ASP A 371 29.58 -8.52 1.58
N THR A 372 30.37 -8.93 2.58
CA THR A 372 30.68 -8.06 3.71
C THR A 372 31.63 -6.94 3.36
N GLU A 373 32.33 -7.04 2.23
CA GLU A 373 33.24 -5.97 1.80
C GLU A 373 32.52 -4.85 1.08
N LYS A 374 31.16 -4.88 1.03
CA LYS A 374 30.43 -3.84 0.34
C LYS A 374 29.85 -2.83 1.33
N PRO A 375 29.75 -1.57 0.93
CA PRO A 375 29.19 -0.55 1.82
C PRO A 375 27.68 -0.64 1.90
N TYR A 376 27.16 -0.31 3.08
CA TYR A 376 25.73 -0.28 3.33
C TYR A 376 25.42 1.06 3.99
N GLU A 377 24.76 1.95 3.25
CA GLU A 377 24.50 3.31 3.70
C GLU A 377 23.11 3.50 4.29
N ALA A 378 22.45 2.41 4.70
CA ALA A 378 21.15 2.57 5.32
C ALA A 378 21.28 2.56 6.84
N PRO A 379 20.40 3.29 7.55
CA PRO A 379 20.50 3.40 9.01
C PRO A 379 20.53 2.04 9.72
N LEU A 386 22.64 -9.38 5.67
CA LEU A 386 22.28 -8.52 4.54
C LEU A 386 22.67 -9.17 3.21
N THR A 387 21.67 -9.71 2.50
CA THR A 387 21.90 -10.27 1.17
C THR A 387 21.84 -9.13 0.17
N ASN A 388 23.01 -8.66 -0.26
CA ASN A 388 23.11 -7.57 -1.23
C ASN A 388 23.53 -8.05 -2.61
N THR A 389 23.72 -9.35 -2.79
CA THR A 389 24.33 -9.86 -4.01
C THR A 389 23.56 -11.07 -4.51
N LEU A 390 23.29 -11.09 -5.81
CA LEU A 390 22.70 -12.24 -6.49
C LEU A 390 23.79 -12.97 -7.27
N GLY A 391 23.89 -14.28 -7.06
CA GLY A 391 24.94 -15.06 -7.67
C GLY A 391 24.43 -16.11 -8.64
N HIS A 392 25.29 -16.50 -9.58
CA HIS A 392 25.04 -17.62 -10.47
C HIS A 392 26.29 -18.49 -10.51
N ILE A 393 26.10 -19.80 -10.36
CA ILE A 393 27.22 -20.74 -10.37
C ILE A 393 26.94 -21.81 -11.42
N ASP A 394 27.96 -22.11 -12.23
CA ASP A 394 27.93 -23.26 -13.14
C ASP A 394 28.70 -24.38 -12.47
N LEU A 395 27.99 -25.34 -11.89
CA LEU A 395 28.63 -26.40 -11.11
C LEU A 395 29.51 -27.30 -11.97
N ALA A 396 29.25 -27.38 -13.28
CA ALA A 396 30.08 -28.20 -14.15
C ALA A 396 31.48 -27.62 -14.32
N THR A 397 31.64 -26.31 -14.13
CA THR A 397 32.91 -25.64 -14.35
C THR A 397 33.43 -24.89 -13.14
N GLY A 398 32.64 -24.78 -12.06
CA GLY A 398 33.01 -23.96 -10.94
C GLY A 398 32.93 -22.47 -11.18
N LYS A 399 32.70 -22.03 -12.42
CA LYS A 399 32.61 -20.61 -12.72
C LYS A 399 31.38 -20.00 -12.05
N SER A 400 31.49 -18.73 -11.70
CA SER A 400 30.38 -18.02 -11.09
C SER A 400 30.45 -16.54 -11.46
N SER A 401 29.28 -15.90 -11.44
CA SER A 401 29.16 -14.46 -11.62
C SER A 401 28.15 -13.96 -10.60
N SER A 402 28.17 -12.66 -10.35
CA SER A 402 27.30 -12.08 -9.34
C SER A 402 26.96 -10.64 -9.69
N TRP A 403 25.97 -10.10 -8.96
CA TRP A 403 25.50 -8.74 -9.16
C TRP A 403 25.24 -8.11 -7.80
N TRP A 404 25.87 -6.97 -7.54
CA TRP A 404 25.65 -6.23 -6.30
C TRP A 404 24.51 -5.23 -6.51
N ALA A 405 23.62 -5.14 -5.52
CA ALA A 405 22.43 -4.31 -5.63
C ALA A 405 22.70 -2.85 -5.25
N GLY A 406 23.88 -2.52 -4.76
CA GLY A 406 24.19 -1.16 -4.37
C GLY A 406 24.16 -1.00 -2.87
N PRO A 407 24.56 0.19 -2.40
CA PRO A 407 24.70 0.41 -0.95
C PRO A 407 23.40 0.64 -0.21
N ARG A 408 22.27 0.78 -0.91
CA ARG A 408 20.99 1.04 -0.27
C ARG A 408 20.06 -0.16 -0.28
N CYS A 409 20.41 -1.24 -0.98
CA CYS A 409 19.44 -2.26 -1.31
C CYS A 409 19.83 -3.62 -0.73
N ALA A 410 18.82 -4.48 -0.66
CA ALA A 410 18.97 -5.90 -0.35
C ALA A 410 18.13 -6.68 -1.36
N ILE A 411 18.41 -7.98 -1.45
CA ILE A 411 17.73 -8.85 -2.41
C ILE A 411 17.09 -10.00 -1.66
N GLN A 412 15.87 -10.34 -2.06
CA GLN A 412 15.16 -11.48 -1.51
C GLN A 412 15.38 -12.69 -2.41
N GLU A 413 14.77 -13.82 -2.04
CA GLU A 413 15.05 -15.08 -2.71
C GLU A 413 14.77 -14.95 -4.20
N PRO A 414 15.69 -15.34 -5.07
CA PRO A 414 15.43 -15.32 -6.51
C PRO A 414 14.60 -16.53 -6.93
N CYS A 415 14.24 -16.55 -8.21
CA CYS A 415 13.42 -17.61 -8.76
C CYS A 415 13.64 -17.64 -10.27
N PHE A 416 13.76 -18.85 -10.82
CA PHE A 416 14.10 -19.03 -12.22
C PHE A 416 12.84 -19.22 -13.06
N ILE A 417 12.85 -18.63 -14.25
CA ILE A 417 11.79 -18.81 -15.23
C ILE A 417 12.45 -19.23 -16.55
N PRO A 418 12.06 -20.35 -17.15
CA PRO A 418 12.65 -20.71 -18.45
C PRO A 418 12.13 -19.82 -19.57
N ARG A 419 13.04 -19.46 -20.48
CA ARG A 419 12.68 -18.62 -21.62
C ARG A 419 11.55 -19.25 -22.42
N SER A 420 11.55 -20.57 -22.55
CA SER A 420 10.48 -21.30 -23.23
C SER A 420 10.46 -22.71 -22.67
N PRO A 421 9.42 -23.49 -23.01
CA PRO A 421 9.37 -24.86 -22.46
C PRO A 421 10.55 -25.73 -22.87
N ASP A 422 11.05 -25.58 -24.09
CA ASP A 422 12.12 -26.42 -24.61
C ASP A 422 13.50 -25.78 -24.47
N ALA A 423 13.62 -24.73 -23.68
CA ALA A 423 14.89 -24.04 -23.55
C ALA A 423 15.91 -24.93 -22.82
N PRO A 424 17.20 -24.80 -23.13
CA PRO A 424 18.22 -25.54 -22.38
C PRO A 424 18.18 -25.18 -20.90
N GLU A 425 18.88 -26.00 -20.11
CA GLU A 425 18.98 -25.75 -18.68
C GLU A 425 19.48 -24.34 -18.41
N GLY A 426 18.81 -23.63 -17.51
CA GLY A 426 19.26 -22.32 -17.08
C GLY A 426 19.15 -21.23 -18.12
N ASP A 427 18.45 -21.47 -19.22
CA ASP A 427 18.25 -20.46 -20.25
C ASP A 427 16.91 -19.78 -19.99
N GLY A 428 16.97 -18.53 -19.55
CA GLY A 428 15.76 -17.78 -19.26
C GLY A 428 16.01 -16.61 -18.33
N TYR A 429 15.16 -16.48 -17.32
CA TYR A 429 15.18 -15.30 -16.45
C TYR A 429 15.26 -15.73 -15.00
N VAL A 430 15.85 -14.86 -14.19
CA VAL A 430 15.81 -14.96 -12.75
C VAL A 430 15.17 -13.68 -12.22
N ILE A 431 14.12 -13.84 -11.42
CA ILE A 431 13.41 -12.70 -10.83
C ILE A 431 13.66 -12.70 -9.33
N ALA A 432 13.59 -11.51 -8.74
CA ALA A 432 13.75 -11.35 -7.30
C ALA A 432 13.35 -9.93 -6.92
N LEU A 433 12.83 -9.78 -5.71
CA LEU A 433 12.56 -8.46 -5.17
C LEU A 433 13.86 -7.80 -4.74
N VAL A 434 14.06 -6.57 -5.19
CA VAL A 434 15.18 -5.73 -4.75
C VAL A 434 14.60 -4.58 -3.95
N ASP A 435 15.04 -4.44 -2.70
CA ASP A 435 14.42 -3.54 -1.74
C ASP A 435 15.36 -2.37 -1.46
N ASP A 436 14.89 -1.15 -1.72
CA ASP A 436 15.62 0.07 -1.40
C ASP A 436 15.27 0.48 0.03
N HIS A 437 16.20 0.29 0.95
CA HIS A 437 15.97 0.53 2.37
C HIS A 437 16.15 1.98 2.77
N VAL A 438 16.37 2.88 1.82
CA VAL A 438 16.44 4.32 2.06
C VAL A 438 15.18 5.02 1.56
N ALA A 439 14.80 4.75 0.31
CA ALA A 439 13.56 5.25 -0.24
C ALA A 439 12.37 4.39 0.11
N ASN A 440 12.60 3.18 0.61
CA ASN A 440 11.52 2.27 1.00
C ASN A 440 10.60 1.98 -0.18
N TYR A 441 11.22 1.53 -1.28
CA TYR A 441 10.51 1.01 -2.43
C TYR A 441 11.10 -0.36 -2.77
N SER A 442 10.26 -1.21 -3.38
CA SER A 442 10.69 -2.51 -3.85
C SER A 442 10.48 -2.61 -5.35
N ASP A 443 11.46 -3.20 -6.03
CA ASP A 443 11.34 -3.57 -7.43
C ASP A 443 11.33 -5.08 -7.57
N LEU A 444 10.47 -5.58 -8.44
CA LEU A 444 10.59 -6.97 -8.89
C LEU A 444 11.53 -6.97 -10.08
N ALA A 445 12.81 -7.22 -9.83
CA ALA A 445 13.82 -7.17 -10.86
C ALA A 445 13.81 -8.44 -11.70
N ILE A 446 14.02 -8.28 -13.00
CA ILE A 446 14.11 -9.39 -13.93
C ILE A 446 15.53 -9.40 -14.49
N PHE A 447 16.24 -10.50 -14.27
CA PHE A 447 17.57 -10.70 -14.83
C PHE A 447 17.53 -11.75 -15.93
N ASP A 448 18.55 -11.72 -16.78
CA ASP A 448 18.86 -12.87 -17.62
C ASP A 448 19.61 -13.89 -16.77
N ALA A 449 19.08 -15.11 -16.72
CA ALA A 449 19.61 -16.12 -15.81
C ALA A 449 21.10 -16.34 -16.03
N GLN A 450 21.55 -16.28 -17.27
CA GLN A 450 22.95 -16.55 -17.59
C GLN A 450 23.85 -15.32 -17.50
N HIS A 451 23.27 -14.13 -17.31
CA HIS A 451 24.05 -12.90 -17.24
C HIS A 451 23.53 -12.01 -16.12
N VAL A 452 23.48 -12.55 -14.90
CA VAL A 452 23.00 -11.76 -13.78
C VAL A 452 23.94 -10.61 -13.47
N ASP A 453 25.23 -10.75 -13.82
CA ASP A 453 26.18 -9.67 -13.61
C ASP A 453 25.86 -8.43 -14.44
N GLN A 454 25.09 -8.58 -15.51
CA GLN A 454 24.65 -7.45 -16.31
C GLN A 454 23.53 -6.65 -15.66
N GLY A 455 23.09 -7.05 -14.47
CA GLY A 455 22.04 -6.35 -13.78
C GLY A 455 20.68 -6.62 -14.39
N PRO A 456 19.64 -6.05 -13.79
CA PRO A 456 18.28 -6.28 -14.29
C PRO A 456 18.10 -5.82 -15.73
N ILE A 457 17.34 -6.61 -16.49
CA ILE A 457 16.85 -6.17 -17.80
C ILE A 457 15.52 -5.45 -17.68
N ALA A 458 14.84 -5.56 -16.54
CA ALA A 458 13.55 -4.92 -16.34
C ALA A 458 13.28 -4.84 -14.84
N ARG A 459 12.53 -3.82 -14.45
CA ARG A 459 12.19 -3.58 -13.05
C ARG A 459 10.71 -3.21 -12.98
N ALA A 460 9.93 -3.99 -12.22
CA ALA A 460 8.56 -3.61 -11.90
C ALA A 460 8.60 -2.79 -10.62
N LYS A 461 8.30 -1.50 -10.74
CA LYS A 461 8.55 -0.55 -9.67
C LYS A 461 7.31 -0.43 -8.79
N LEU A 462 7.39 -0.97 -7.58
CA LEU A 462 6.30 -0.86 -6.63
C LEU A 462 6.40 0.42 -5.82
N PRO A 463 5.27 1.06 -5.48
CA PRO A 463 5.30 2.26 -4.65
C PRO A 463 5.31 1.93 -3.17
N VAL A 464 6.01 0.85 -2.80
CA VAL A 464 6.04 0.36 -1.43
C VAL A 464 7.19 -0.63 -1.32
N ARG A 465 7.77 -0.73 -0.13
CA ARG A 465 8.81 -1.71 0.12
C ARG A 465 8.19 -2.98 0.71
N ILE A 466 8.36 -4.09 -0.01
CA ILE A 466 7.88 -5.37 0.49
C ILE A 466 8.77 -5.83 1.62
N ARG A 467 8.16 -6.30 2.71
CA ARG A 467 8.90 -6.73 3.88
C ARG A 467 9.72 -7.98 3.56
N GLN A 468 10.83 -8.12 4.27
CA GLN A 468 11.71 -9.27 4.07
C GLN A 468 10.92 -10.57 4.17
N GLY A 469 10.96 -11.37 3.11
CA GLY A 469 10.16 -12.56 3.00
C GLY A 469 10.96 -13.84 3.07
N LEU A 470 10.35 -14.93 2.60
CA LEU A 470 11.00 -16.23 2.63
C LEU A 470 11.01 -16.77 1.22
N HIS A 471 10.13 -17.71 0.88
CA HIS A 471 10.23 -18.44 -0.38
C HIS A 471 9.07 -18.11 -1.30
N GLY A 472 9.37 -18.13 -2.60
CA GLY A 472 8.37 -17.92 -3.63
C GLY A 472 8.63 -18.87 -4.78
N ASN A 473 7.66 -18.92 -5.70
CA ASN A 473 7.74 -19.88 -6.80
C ASN A 473 7.08 -19.30 -8.03
N TRP A 474 7.60 -19.68 -9.18
CA TRP A 474 7.00 -19.35 -10.47
C TRP A 474 6.13 -20.51 -10.94
N ALA A 475 5.02 -20.18 -11.57
CA ALA A 475 4.14 -21.17 -12.16
C ALA A 475 3.63 -20.63 -13.49
N ASP A 476 3.77 -21.42 -14.54
CA ASP A 476 3.26 -21.02 -15.84
C ASP A 476 1.73 -21.03 -15.81
N ALA A 477 1.14 -20.14 -16.62
CA ALA A 477 -0.31 -20.02 -16.63
C ALA A 477 -0.98 -21.34 -16.98
N SER A 478 -0.29 -22.21 -17.72
CA SER A 478 -0.85 -23.51 -18.08
C SER A 478 -1.23 -24.30 -16.84
N ARG A 479 -0.57 -24.07 -15.72
CA ARG A 479 -0.88 -24.79 -14.48
C ARG A 479 -2.10 -24.22 -13.76
N LEU A 480 -2.75 -23.19 -14.30
CA LEU A 480 -3.93 -22.60 -13.69
C LEU A 480 -5.19 -23.10 -14.41
N ALA B 1 1.98 0.98 -16.91
CA ALA B 1 3.29 0.33 -17.00
C ALA B 1 4.38 1.36 -17.26
N HIS B 2 4.13 2.27 -18.21
CA HIS B 2 5.10 3.28 -18.61
C HIS B 2 4.44 4.65 -18.51
N PHE B 3 4.65 5.32 -17.36
CA PHE B 3 4.15 6.67 -17.16
C PHE B 3 5.16 7.69 -17.69
N PRO B 4 4.71 8.80 -18.26
CA PRO B 4 5.66 9.81 -18.74
C PRO B 4 6.53 10.32 -17.62
N GLN B 5 7.85 10.33 -17.84
CA GLN B 5 8.80 10.80 -16.84
C GLN B 5 8.84 12.33 -16.75
N THR B 6 7.69 12.98 -16.87
CA THR B 6 7.54 14.39 -16.55
C THR B 6 7.47 14.58 -15.04
N PRO B 7 7.86 15.76 -14.53
CA PRO B 7 7.71 16.01 -13.09
C PRO B 7 6.33 15.70 -12.55
N GLY B 8 5.29 15.81 -13.37
CA GLY B 8 3.95 15.48 -12.93
C GLY B 8 3.75 14.02 -12.57
N PHE B 9 4.72 13.14 -12.89
CA PHE B 9 4.61 11.71 -12.60
C PHE B 9 5.90 11.13 -12.08
N SER B 10 6.75 11.96 -11.47
CA SER B 10 8.05 11.50 -10.98
C SER B 10 8.35 12.18 -9.66
N GLY B 11 9.27 11.57 -8.91
CA GLY B 11 9.61 12.09 -7.60
C GLY B 11 8.47 11.93 -6.63
N THR B 12 8.24 12.96 -5.82
CA THR B 12 7.18 12.90 -4.83
C THR B 12 5.80 12.74 -5.49
N LEU B 13 5.68 13.05 -6.77
CA LEU B 13 4.42 12.87 -7.49
C LEU B 13 4.38 11.58 -8.31
N ARG B 14 5.18 10.59 -7.93
CA ARG B 14 5.13 9.32 -8.62
C ARG B 14 3.75 8.69 -8.48
N PRO B 15 3.32 7.88 -9.45
CA PRO B 15 2.04 7.18 -9.29
C PRO B 15 2.05 6.25 -8.10
N LEU B 16 0.91 6.18 -7.42
CA LEU B 16 0.72 5.26 -6.31
C LEU B 16 -0.20 4.12 -6.75
N ARG B 17 -1.50 4.39 -6.90
CA ARG B 17 -2.44 3.48 -7.58
C ARG B 17 -2.68 2.19 -6.83
N ILE B 18 -2.39 2.14 -5.54
CA ILE B 18 -2.56 0.92 -4.74
C ILE B 18 -3.84 1.08 -3.91
N GLU B 19 -4.83 0.27 -4.24
CA GLU B 19 -5.98 0.08 -3.36
C GLU B 19 -5.61 -0.98 -2.33
N GLY B 20 -6.08 -0.81 -1.09
CA GLY B 20 -5.71 -1.76 -0.06
C GLY B 20 -6.33 -1.45 1.27
N ASP B 21 -5.80 -2.12 2.29
CA ASP B 21 -6.35 -2.12 3.64
C ASP B 21 -5.25 -2.37 4.65
N ILE B 22 -5.32 -1.68 5.78
CA ILE B 22 -4.53 -2.01 6.97
C ILE B 22 -5.48 -2.02 8.15
N LEU B 23 -5.48 -3.13 8.90
CA LEU B 23 -6.25 -3.22 10.12
C LEU B 23 -5.38 -2.76 11.29
N ASP B 24 -5.85 -1.76 12.02
CA ASP B 24 -5.16 -1.31 13.22
C ASP B 24 -3.79 -0.73 12.89
N ILE B 25 -3.77 0.51 12.41
CA ILE B 25 -2.52 1.15 12.03
C ILE B 25 -1.58 1.23 13.24
N GLU B 26 -0.28 1.18 12.95
CA GLU B 26 0.71 1.45 14.00
C GLU B 26 0.52 2.84 14.55
N ILE B 27 0.49 2.95 15.88
CA ILE B 27 0.32 4.24 16.55
C ILE B 27 1.59 4.54 17.33
N GLU B 28 2.11 5.74 17.13
CA GLU B 28 3.10 6.35 18.03
C GLU B 28 2.34 7.38 18.87
N GLY B 29 2.41 7.23 20.19
CA GLY B 29 1.59 8.05 21.05
C GLY B 29 0.28 7.37 21.35
N GLU B 30 -0.79 8.14 21.50
CA GLU B 30 -2.08 7.60 21.95
C GLU B 30 -3.20 8.29 21.19
N VAL B 31 -3.94 7.52 20.40
CA VAL B 31 -5.14 8.05 19.75
C VAL B 31 -6.16 8.42 20.82
N PRO B 32 -6.77 9.61 20.78
CA PRO B 32 -7.77 9.97 21.78
C PRO B 32 -8.85 8.89 21.87
N PRO B 33 -9.06 8.29 23.05
CA PRO B 33 -9.90 7.09 23.12
C PRO B 33 -11.37 7.32 22.82
N GLN B 34 -11.87 8.55 22.94
CA GLN B 34 -13.29 8.80 22.71
C GLN B 34 -13.65 8.92 21.24
N LEU B 35 -12.67 9.16 20.36
CA LEU B 35 -12.97 9.45 18.97
C LEU B 35 -13.52 8.22 18.27
N ASN B 36 -14.66 8.41 17.59
CA ASN B 36 -15.36 7.32 16.92
C ASN B 36 -16.03 7.90 15.68
N GLY B 37 -15.39 7.74 14.54
CA GLY B 37 -15.92 8.27 13.30
C GLY B 37 -14.99 7.98 12.15
N THR B 38 -15.24 8.65 11.05
CA THR B 38 -14.48 8.45 9.81
C THR B 38 -13.86 9.75 9.36
N PHE B 39 -12.61 9.66 8.90
CA PHE B 39 -11.93 10.74 8.19
C PHE B 39 -11.72 10.26 6.76
N HIS B 40 -12.47 10.83 5.83
CA HIS B 40 -12.33 10.52 4.41
C HIS B 40 -11.45 11.57 3.75
N ARG B 41 -10.92 11.20 2.58
CA ARG B 41 -9.82 11.94 1.97
C ARG B 41 -9.53 11.37 0.58
N VAL B 42 -9.07 12.19 -0.36
CA VAL B 42 -8.98 11.78 -1.75
C VAL B 42 -7.79 12.44 -2.41
N HIS B 43 -7.18 11.74 -3.37
CA HIS B 43 -6.08 12.30 -4.15
C HIS B 43 -6.22 11.85 -5.60
N PRO B 44 -5.69 12.62 -6.55
CA PRO B 44 -5.66 12.15 -7.94
C PRO B 44 -4.58 11.09 -8.13
N ASP B 45 -4.95 10.04 -8.86
CA ASP B 45 -4.06 8.90 -9.08
C ASP B 45 -4.42 8.18 -10.37
N ALA B 46 -4.03 8.76 -11.50
CA ALA B 46 -4.32 8.19 -12.81
C ALA B 46 -4.11 6.69 -12.82
N GLN B 47 -5.18 5.96 -13.10
CA GLN B 47 -5.10 4.49 -13.13
C GLN B 47 -4.09 4.03 -14.18
N PHE B 48 -4.08 4.66 -15.34
CA PHE B 48 -3.20 4.31 -16.44
C PHE B 48 -2.44 5.54 -16.90
N PRO B 49 -1.36 5.38 -17.65
CA PRO B 49 -0.62 6.55 -18.13
C PRO B 49 -1.51 7.41 -19.01
N PRO B 50 -1.33 8.73 -18.96
CA PRO B 50 -2.24 9.60 -19.72
C PRO B 50 -1.94 9.63 -21.20
N ARG B 51 -3.00 9.88 -21.98
CA ARG B 51 -2.85 10.14 -23.41
C ARG B 51 -1.86 11.27 -23.67
N PHE B 52 -1.86 12.28 -22.80
CA PHE B 52 -1.02 13.46 -22.95
C PHE B 52 0.12 13.39 -21.95
N GLU B 53 1.36 13.43 -22.45
CA GLU B 53 2.52 13.51 -21.57
C GLU B 53 2.40 14.64 -20.56
N ASP B 54 1.60 15.66 -20.88
CA ASP B 54 1.44 16.84 -20.02
C ASP B 54 0.20 16.76 -19.14
N ASP B 55 -0.51 15.64 -19.13
CA ASP B 55 -1.73 15.54 -18.34
C ASP B 55 -1.45 15.97 -16.90
N GLN B 56 -2.44 16.64 -16.30
CA GLN B 56 -2.20 17.46 -15.13
C GLN B 56 -2.58 16.75 -13.83
N PHE B 57 -2.20 17.40 -12.73
CA PHE B 57 -2.47 16.86 -11.40
C PHE B 57 -3.96 16.60 -11.18
N PHE B 58 -4.77 17.65 -11.34
CA PHE B 58 -6.21 17.54 -11.09
C PHE B 58 -6.93 16.69 -12.11
N ASN B 59 -6.25 16.03 -13.05
CA ASN B 59 -6.91 15.18 -14.03
C ASN B 59 -6.82 13.70 -13.67
N GLY B 60 -6.10 13.36 -12.60
CA GLY B 60 -5.94 11.96 -12.24
C GLY B 60 -7.17 11.39 -11.54
N ASP B 61 -7.41 10.10 -11.79
CA ASP B 61 -8.55 9.42 -11.20
C ASP B 61 -8.56 9.57 -9.69
N GLY B 62 -9.76 9.65 -9.12
CA GLY B 62 -9.91 9.83 -7.70
C GLY B 62 -9.65 8.56 -6.90
N MET B 63 -8.68 8.63 -5.99
CA MET B 63 -8.38 7.54 -5.06
C MET B 63 -8.80 7.99 -3.67
N VAL B 64 -9.77 7.27 -3.09
CA VAL B 64 -10.39 7.66 -1.83
C VAL B 64 -9.75 6.88 -0.69
N SER B 65 -9.40 7.59 0.39
CA SER B 65 -8.85 6.98 1.59
C SER B 65 -9.83 7.13 2.74
N LEU B 66 -9.91 6.09 3.58
CA LEU B 66 -10.75 6.12 4.76
C LEU B 66 -9.91 5.78 5.98
N PHE B 67 -9.97 6.64 6.99
CA PHE B 67 -9.37 6.38 8.29
C PHE B 67 -10.51 6.27 9.31
N ARG B 68 -10.82 5.05 9.74
CA ARG B 68 -11.91 4.82 10.68
C ARG B 68 -11.37 4.83 12.10
N PHE B 69 -11.81 5.82 12.88
CA PHE B 69 -11.40 5.95 14.28
C PHE B 69 -12.35 5.17 15.17
N HIS B 70 -11.77 4.45 16.14
CA HIS B 70 -12.58 3.73 17.12
C HIS B 70 -11.68 3.12 18.18
N ASP B 71 -12.06 3.28 19.44
CA ASP B 71 -11.44 2.58 20.56
C ASP B 71 -9.93 2.76 20.56
N GLY B 72 -9.50 4.01 20.35
CA GLY B 72 -8.08 4.30 20.32
C GLY B 72 -7.33 3.65 19.18
N LYS B 73 -8.05 3.25 18.12
CA LYS B 73 -7.45 2.63 16.95
C LYS B 73 -7.89 3.38 15.70
N ILE B 74 -7.09 3.23 14.65
CA ILE B 74 -7.42 3.75 13.33
C ILE B 74 -7.17 2.65 12.31
N ASP B 75 -8.16 2.39 11.46
CA ASP B 75 -8.02 1.46 10.36
C ASP B 75 -7.89 2.23 9.05
N PHE B 76 -7.24 1.61 8.07
CA PHE B 76 -6.98 2.24 6.78
C PHE B 76 -7.65 1.43 5.67
N ARG B 77 -8.34 2.14 4.77
CA ARG B 77 -8.92 1.54 3.59
C ARG B 77 -8.83 2.53 2.45
N GLN B 78 -8.41 2.06 1.27
CA GLN B 78 -8.24 2.93 0.11
C GLN B 78 -8.76 2.24 -1.13
N ARG B 79 -9.58 2.94 -1.89
CA ARG B 79 -10.23 2.39 -3.09
C ARG B 79 -10.34 3.48 -4.15
N TYR B 80 -10.18 3.07 -5.41
CA TYR B 80 -10.52 3.95 -6.52
C TYR B 80 -12.03 4.21 -6.52
N ALA B 81 -12.40 5.47 -6.75
CA ALA B 81 -13.79 5.78 -7.06
C ALA B 81 -14.09 5.32 -8.47
N GLN B 82 -15.11 4.47 -8.62
CA GLN B 82 -15.38 3.83 -9.90
C GLN B 82 -16.34 4.70 -10.72
N THR B 83 -15.79 5.82 -11.17
CA THR B 83 -16.49 6.71 -12.08
C THR B 83 -16.73 6.02 -13.41
N ASP B 84 -17.68 6.56 -14.18
CA ASP B 84 -17.91 6.07 -15.53
C ASP B 84 -16.61 6.08 -16.32
N LYS B 85 -15.81 7.15 -16.18
CA LYS B 85 -14.51 7.21 -16.82
C LYS B 85 -13.63 6.04 -16.38
N TRP B 86 -13.53 5.83 -15.07
CA TRP B 86 -12.66 4.78 -14.54
C TRP B 86 -13.11 3.41 -15.02
N LYS B 87 -14.43 3.16 -15.04
CA LYS B 87 -14.94 1.85 -15.42
C LYS B 87 -14.61 1.53 -16.88
N VAL B 88 -14.85 2.49 -17.78
CA VAL B 88 -14.66 2.21 -19.20
C VAL B 88 -13.17 2.15 -19.54
N GLU B 89 -12.33 2.95 -18.86
CA GLU B 89 -10.91 2.92 -19.13
C GLU B 89 -10.28 1.63 -18.61
N ARG B 90 -10.77 1.10 -17.49
CA ARG B 90 -10.25 -0.17 -16.99
C ARG B 90 -10.53 -1.31 -17.97
N LYS B 91 -11.75 -1.35 -18.52
CA LYS B 91 -12.07 -2.38 -19.51
C LYS B 91 -11.13 -2.31 -20.71
N ALA B 92 -10.73 -1.11 -21.10
CA ALA B 92 -9.82 -0.95 -22.24
C ALA B 92 -8.36 -1.09 -21.85
N GLY B 93 -8.05 -1.14 -20.55
CA GLY B 93 -6.66 -1.25 -20.13
C GLY B 93 -5.80 -0.06 -20.48
N LYS B 94 -6.40 1.06 -20.85
CA LYS B 94 -5.66 2.26 -21.19
C LYS B 94 -6.54 3.46 -20.93
N SER B 95 -5.92 4.64 -20.97
CA SER B 95 -6.66 5.89 -20.79
C SER B 95 -7.34 6.27 -22.11
N LEU B 96 -8.63 6.59 -22.02
CA LEU B 96 -9.43 6.98 -23.18
C LEU B 96 -9.75 8.47 -23.21
N PHE B 97 -9.97 9.07 -22.03
CA PHE B 97 -10.27 10.49 -21.97
C PHE B 97 -8.98 11.29 -22.08
N GLY B 98 -9.13 12.56 -22.45
CA GLY B 98 -8.00 13.40 -22.78
C GLY B 98 -7.63 14.43 -21.74
N ALA B 99 -7.34 15.65 -22.20
CA ALA B 99 -6.79 16.68 -21.34
C ALA B 99 -7.86 17.19 -20.35
N TYR B 100 -7.42 18.10 -19.49
CA TYR B 100 -8.26 18.64 -18.42
C TYR B 100 -9.35 19.53 -18.99
N ARG B 101 -10.61 19.11 -18.81
CA ARG B 101 -11.77 19.92 -19.19
C ARG B 101 -11.79 20.16 -20.70
N ASN B 102 -11.38 19.16 -21.48
CA ASN B 102 -11.28 19.30 -22.93
C ASN B 102 -11.81 18.04 -23.61
N PRO B 103 -13.12 17.99 -23.86
CA PRO B 103 -13.68 16.81 -24.56
C PRO B 103 -13.23 16.70 -26.00
N LEU B 104 -12.62 17.73 -26.57
CA LEU B 104 -12.10 17.65 -27.93
C LEU B 104 -10.94 16.68 -28.05
N THR B 105 -10.31 16.33 -26.93
CA THR B 105 -9.16 15.43 -26.91
C THR B 105 -9.53 14.03 -26.43
N ASP B 106 -10.81 13.75 -26.23
CA ASP B 106 -11.23 12.43 -25.81
C ASP B 106 -11.23 11.47 -26.99
N ASP B 107 -11.10 10.18 -26.68
CA ASP B 107 -11.27 9.16 -27.70
C ASP B 107 -12.71 9.17 -28.20
N ALA B 108 -12.89 8.74 -29.44
CA ALA B 108 -14.22 8.78 -30.05
C ALA B 108 -15.21 7.86 -29.34
N SER B 109 -14.72 6.84 -28.62
CA SER B 109 -15.61 5.87 -28.00
C SER B 109 -16.28 6.39 -26.72
N VAL B 110 -15.73 7.43 -26.10
CA VAL B 110 -16.23 7.95 -24.84
C VAL B 110 -16.85 9.34 -24.99
N GLN B 111 -17.10 9.77 -26.22
CA GLN B 111 -17.66 11.11 -26.43
C GLN B 111 -19.05 11.19 -25.81
N GLY B 112 -19.27 12.24 -25.03
CA GLY B 112 -20.54 12.44 -24.36
C GLY B 112 -20.61 11.84 -22.97
N MET B 113 -19.61 11.09 -22.54
CA MET B 113 -19.62 10.51 -21.20
C MET B 113 -19.33 11.57 -20.16
N ILE B 114 -19.65 11.24 -18.91
CA ILE B 114 -19.23 12.06 -17.78
C ILE B 114 -17.73 11.88 -17.58
N ARG B 115 -16.97 12.96 -17.71
CA ARG B 115 -15.52 12.92 -17.68
C ARG B 115 -14.94 13.08 -16.29
N GLY B 116 -15.76 13.02 -15.25
CA GLY B 116 -15.28 13.33 -13.92
C GLY B 116 -14.41 12.24 -13.34
N THR B 117 -13.47 12.66 -12.49
CA THR B 117 -12.59 11.75 -11.78
C THR B 117 -12.90 11.64 -10.30
N ALA B 118 -13.87 12.42 -9.79
CA ALA B 118 -14.27 12.36 -8.39
C ALA B 118 -13.07 12.45 -7.46
N ASN B 119 -12.14 13.35 -7.77
CA ASN B 119 -10.85 13.39 -7.11
C ASN B 119 -10.66 14.61 -6.21
N THR B 120 -11.69 15.43 -6.01
CA THR B 120 -11.50 16.71 -5.33
C THR B 120 -11.98 16.71 -3.88
N ASN B 121 -13.15 16.15 -3.58
CA ASN B 121 -13.63 16.14 -2.21
C ASN B 121 -14.52 14.93 -1.97
N VAL B 122 -14.55 14.50 -0.71
CA VAL B 122 -15.31 13.33 -0.28
C VAL B 122 -15.89 13.63 1.10
N MET B 123 -17.20 13.46 1.25
CA MET B 123 -17.88 13.88 2.46
C MET B 123 -19.07 12.96 2.73
N VAL B 124 -19.23 12.59 4.00
CA VAL B 124 -20.37 11.77 4.41
C VAL B 124 -21.61 12.65 4.48
N HIS B 125 -22.67 12.23 3.78
CA HIS B 125 -23.95 12.89 3.89
C HIS B 125 -25.05 11.90 3.56
N ALA B 126 -26.15 11.97 4.32
CA ALA B 126 -27.31 11.12 4.08
C ALA B 126 -26.91 9.64 4.12
N GLY B 127 -26.06 9.28 5.07
CA GLY B 127 -25.63 7.91 5.23
C GLY B 127 -24.78 7.35 4.12
N LYS B 128 -24.39 8.18 3.15
CA LYS B 128 -23.54 7.75 2.05
C LYS B 128 -22.35 8.71 1.96
N LEU B 129 -21.41 8.36 1.08
CA LEU B 129 -20.22 9.19 0.84
C LEU B 129 -20.38 9.88 -0.50
N TYR B 130 -20.34 11.21 -0.49
CA TYR B 130 -20.43 12.00 -1.71
C TYR B 130 -19.02 12.28 -2.22
N ALA B 131 -18.70 11.76 -3.42
CA ALA B 131 -17.42 11.99 -4.07
C ALA B 131 -17.65 12.97 -5.22
N MET B 132 -16.91 14.07 -5.21
CA MET B 132 -17.29 15.25 -5.98
C MET B 132 -16.18 15.72 -6.90
N LYS B 133 -16.59 16.22 -8.06
CA LYS B 133 -15.71 16.86 -9.03
C LYS B 133 -16.54 17.87 -9.81
N GLU B 134 -16.05 19.11 -9.89
CA GLU B 134 -16.84 20.23 -10.41
C GLU B 134 -17.54 19.89 -11.71
N ASP B 135 -16.80 19.37 -12.67
CA ASP B 135 -17.33 19.24 -14.02
C ASP B 135 -18.36 18.15 -14.16
N SER B 136 -18.78 17.48 -13.09
CA SER B 136 -19.55 16.25 -13.23
C SER B 136 -20.54 16.18 -12.07
N PRO B 137 -21.57 15.33 -12.18
CA PRO B 137 -22.49 15.13 -11.07
C PRO B 137 -21.78 14.56 -9.85
N CYS B 138 -22.52 14.50 -8.76
CA CYS B 138 -22.02 13.88 -7.54
C CYS B 138 -22.00 12.37 -7.69
N LEU B 139 -20.91 11.76 -7.22
CA LEU B 139 -20.74 10.31 -7.24
C LEU B 139 -21.04 9.76 -5.86
N ILE B 140 -21.87 8.73 -5.79
CA ILE B 140 -22.28 8.14 -4.52
C ILE B 140 -21.45 6.90 -4.26
N MET B 141 -20.93 6.80 -3.03
CA MET B 141 -20.08 5.69 -2.61
C MET B 141 -20.51 5.25 -1.22
N ASP B 142 -20.08 4.05 -0.83
CA ASP B 142 -20.34 3.58 0.52
C ASP B 142 -19.30 4.16 1.46
N PRO B 143 -19.70 4.74 2.60
CA PRO B 143 -18.71 5.39 3.48
C PRO B 143 -17.72 4.41 4.10
N LEU B 144 -18.06 3.13 4.22
CA LEU B 144 -17.22 2.18 4.95
C LEU B 144 -16.54 1.16 4.04
N THR B 145 -17.22 0.68 3.01
CA THR B 145 -16.60 -0.22 2.06
C THR B 145 -15.92 0.50 0.91
N LEU B 146 -16.25 1.78 0.72
CA LEU B 146 -15.74 2.59 -0.39
C LEU B 146 -16.10 1.99 -1.75
N GLU B 147 -17.15 1.17 -1.79
CA GLU B 147 -17.72 0.76 -3.06
C GLU B 147 -18.42 1.94 -3.73
N THR B 148 -18.42 1.93 -5.06
CA THR B 148 -19.06 2.97 -5.84
C THR B 148 -20.45 2.52 -6.27
N GLU B 149 -21.45 3.35 -6.01
CA GLU B 149 -22.81 3.08 -6.47
C GLU B 149 -23.08 3.68 -7.84
N GLY B 150 -22.64 4.91 -8.08
CA GLY B 150 -22.80 5.56 -9.35
C GLY B 150 -23.22 7.01 -9.17
N TYR B 151 -23.05 7.79 -10.23
CA TYR B 151 -23.49 9.19 -10.21
C TYR B 151 -24.97 9.26 -9.88
N THR B 152 -25.38 10.40 -9.33
CA THR B 152 -26.75 10.59 -8.88
C THR B 152 -27.31 11.90 -9.40
N ASN B 153 -28.63 11.92 -9.57
CA ASN B 153 -29.39 13.13 -9.83
C ASN B 153 -30.46 13.34 -8.76
N PHE B 154 -30.34 12.65 -7.64
CA PHE B 154 -31.29 12.76 -6.53
C PHE B 154 -32.70 12.44 -7.02
N ASP B 155 -32.86 11.19 -7.43
CA ASP B 155 -34.10 10.65 -7.99
C ASP B 155 -34.72 11.60 -9.02
N GLY B 156 -33.92 11.92 -10.04
CA GLY B 156 -34.39 12.65 -11.19
C GLY B 156 -34.69 14.12 -10.97
N LYS B 157 -34.59 14.61 -9.74
CA LYS B 157 -35.03 15.98 -9.45
C LYS B 157 -34.00 17.01 -9.88
N LEU B 158 -32.71 16.76 -9.63
CA LEU B 158 -31.69 17.74 -9.94
C LEU B 158 -31.52 17.86 -11.44
N GLN B 159 -31.64 19.09 -11.95
CA GLN B 159 -31.45 19.37 -13.36
C GLN B 159 -30.00 19.67 -13.71
N SER B 160 -29.23 20.18 -12.75
CA SER B 160 -27.88 20.63 -13.03
C SER B 160 -26.99 19.47 -13.45
N GLN B 161 -26.26 19.66 -14.55
CA GLN B 161 -25.35 18.63 -15.04
C GLN B 161 -24.13 18.47 -14.15
N THR B 162 -23.84 19.44 -13.29
CA THR B 162 -22.64 19.47 -12.47
C THR B 162 -23.03 19.53 -11.00
N PHE B 163 -22.00 19.40 -10.15
CA PHE B 163 -22.18 19.44 -8.70
C PHE B 163 -20.85 19.87 -8.09
N CYS B 164 -20.88 20.93 -7.29
CA CYS B 164 -19.65 21.48 -6.74
C CYS B 164 -18.96 20.46 -5.84
N ALA B 165 -17.69 20.73 -5.54
CA ALA B 165 -16.91 19.89 -4.64
C ALA B 165 -16.62 20.59 -3.33
N HIS B 166 -17.40 21.60 -2.97
CA HIS B 166 -17.19 22.36 -1.73
C HIS B 166 -18.54 22.70 -1.11
N PRO B 167 -19.33 21.69 -0.75
CA PRO B 167 -20.56 21.95 -0.01
C PRO B 167 -20.29 22.21 1.47
N LYS B 168 -21.30 22.78 2.12
CA LYS B 168 -21.27 23.03 3.55
C LYS B 168 -22.45 22.31 4.19
N ILE B 169 -22.29 21.95 5.46
CA ILE B 169 -23.37 21.36 6.24
C ILE B 169 -23.98 22.45 7.09
N ASP B 170 -25.24 22.77 6.86
CA ASP B 170 -25.93 23.73 7.70
C ASP B 170 -26.05 23.15 9.10
N PRO B 171 -25.46 23.77 10.12
CA PRO B 171 -25.45 23.16 11.46
C PRO B 171 -26.81 23.11 12.14
N VAL B 172 -27.86 23.65 11.52
CA VAL B 172 -29.20 23.62 12.11
C VAL B 172 -30.05 22.60 11.37
N THR B 173 -30.27 22.84 10.07
CA THR B 173 -31.10 21.93 9.28
C THR B 173 -30.42 20.59 9.03
N GLY B 174 -29.09 20.53 9.13
CA GLY B 174 -28.37 19.37 8.65
C GLY B 174 -28.39 19.20 7.16
N ASN B 175 -28.86 20.20 6.42
CA ASN B 175 -28.92 20.12 4.97
C ASN B 175 -27.52 20.25 4.37
N LEU B 176 -27.34 19.59 3.23
CA LEU B 176 -26.11 19.74 2.44
C LEU B 176 -26.32 20.92 1.50
N CYS B 177 -25.58 22.01 1.74
CA CYS B 177 -25.69 23.22 0.95
C CYS B 177 -24.57 23.21 -0.09
N ALA B 178 -24.95 23.09 -1.36
CA ALA B 178 -23.99 23.01 -2.45
C ALA B 178 -24.38 23.99 -3.55
N PHE B 179 -23.65 23.95 -4.67
CA PHE B 179 -23.97 24.79 -5.82
C PHE B 179 -23.40 24.11 -7.06
N ALA B 180 -23.48 24.80 -8.20
CA ALA B 180 -23.01 24.25 -9.46
C ALA B 180 -22.80 25.39 -10.45
N TYR B 181 -21.70 25.32 -11.19
CA TYR B 181 -21.44 26.24 -12.29
C TYR B 181 -21.24 25.44 -13.57
N GLY B 182 -21.52 26.08 -14.69
CA GLY B 182 -21.66 25.33 -15.94
C GLY B 182 -22.77 24.29 -15.85
N ALA B 183 -23.84 24.61 -15.14
CA ALA B 183 -24.90 23.64 -14.86
C ALA B 183 -25.57 23.11 -16.11
N LYS B 184 -25.39 23.75 -17.26
CA LYS B 184 -25.94 23.27 -18.53
C LYS B 184 -24.81 22.94 -19.51
N GLY B 185 -23.65 22.58 -18.99
CA GLY B 185 -22.52 22.18 -19.81
C GLY B 185 -21.37 23.16 -19.70
N LEU B 186 -20.24 22.74 -20.26
CA LEU B 186 -19.06 23.59 -20.29
C LEU B 186 -19.36 24.88 -21.03
N MET B 187 -18.87 26.00 -20.49
CA MET B 187 -18.96 27.30 -21.13
C MET B 187 -20.36 27.91 -21.06
N THR B 188 -21.20 27.45 -20.14
CA THR B 188 -22.50 28.06 -19.89
C THR B 188 -22.47 28.81 -18.57
N LEU B 189 -23.16 29.95 -18.51
CA LEU B 189 -23.21 30.75 -17.30
C LEU B 189 -24.27 30.26 -16.32
N ASP B 190 -24.99 29.20 -16.64
CA ASP B 190 -26.03 28.70 -15.75
C ASP B 190 -25.41 28.24 -14.44
N MET B 191 -25.95 28.77 -13.34
CA MET B 191 -25.54 28.42 -12.00
C MET B 191 -26.73 27.80 -11.27
N ALA B 192 -26.51 27.41 -10.02
CA ALA B 192 -27.58 26.88 -9.20
C ALA B 192 -27.10 26.79 -7.76
N TYR B 193 -27.94 27.23 -6.83
CA TYR B 193 -27.76 26.96 -5.42
C TYR B 193 -28.58 25.74 -5.06
N ILE B 194 -27.97 24.79 -4.38
CA ILE B 194 -28.57 23.49 -4.11
C ILE B 194 -28.58 23.23 -2.61
N GLU B 195 -29.68 22.68 -2.11
CA GLU B 195 -29.74 22.16 -0.76
C GLU B 195 -30.28 20.74 -0.83
N ILE B 196 -29.63 19.83 -0.10
CA ILE B 196 -30.02 18.43 -0.03
C ILE B 196 -30.40 18.13 1.42
N SER B 197 -31.51 17.42 1.60
CA SER B 197 -32.00 17.13 2.93
C SER B 197 -31.09 16.10 3.61
N PRO B 198 -31.21 15.93 4.93
CA PRO B 198 -30.38 14.93 5.62
C PRO B 198 -30.66 13.50 5.22
N THR B 199 -31.68 13.26 4.39
CA THR B 199 -31.99 11.91 3.89
C THR B 199 -31.75 11.79 2.39
N GLY B 200 -31.15 12.81 1.78
CA GLY B 200 -30.75 12.72 0.38
C GLY B 200 -31.72 13.30 -0.62
N LYS B 201 -32.78 13.96 -0.17
CA LYS B 201 -33.80 14.49 -1.08
C LYS B 201 -33.46 15.92 -1.46
N LEU B 202 -33.52 16.20 -2.76
CA LEU B 202 -33.28 17.55 -3.25
C LEU B 202 -34.36 18.48 -2.73
N LEU B 203 -33.95 19.53 -2.01
CA LEU B 203 -34.88 20.47 -1.43
C LEU B 203 -35.07 21.73 -2.28
N LYS B 204 -33.99 22.28 -2.84
CA LYS B 204 -34.12 23.44 -3.70
C LYS B 204 -32.97 23.48 -4.67
N GLU B 205 -33.24 24.02 -5.87
CA GLU B 205 -32.25 24.19 -6.93
C GLU B 205 -32.55 25.55 -7.55
N ILE B 206 -31.88 26.58 -7.06
CA ILE B 206 -32.19 27.96 -7.42
C ILE B 206 -31.27 28.37 -8.57
N PRO B 207 -31.76 28.46 -9.80
CA PRO B 207 -30.89 28.84 -10.91
C PRO B 207 -30.67 30.35 -10.98
N PHE B 208 -29.49 30.73 -11.47
CA PHE B 208 -29.17 32.12 -11.79
C PHE B 208 -28.02 32.12 -12.78
N GLN B 209 -27.65 33.32 -13.22
CA GLN B 209 -26.63 33.47 -14.26
C GLN B 209 -25.38 34.10 -13.66
N ASN B 210 -24.26 33.68 -14.18
CA ASN B 210 -22.99 34.17 -13.65
C ASN B 210 -22.51 35.39 -14.42
N PRO B 211 -21.71 36.25 -13.80
CA PRO B 211 -21.14 37.39 -14.55
C PRO B 211 -20.14 36.95 -15.61
N TYR B 212 -19.36 35.90 -15.36
CA TYR B 212 -18.33 35.44 -16.27
C TYR B 212 -18.57 34.00 -16.68
N TYR B 213 -17.94 33.62 -17.79
CA TYR B 213 -17.61 32.22 -18.06
C TYR B 213 -16.33 31.93 -17.29
N CYS B 214 -16.48 31.62 -16.00
CA CYS B 214 -15.33 31.51 -15.11
C CYS B 214 -15.48 30.29 -14.22
N MET B 215 -14.39 29.97 -13.52
CA MET B 215 -14.39 28.91 -12.53
C MET B 215 -15.04 29.40 -11.24
N MET B 216 -15.92 28.58 -10.68
CA MET B 216 -16.55 28.83 -9.39
C MET B 216 -16.26 27.63 -8.51
N HIS B 217 -15.05 27.61 -7.91
CA HIS B 217 -14.58 26.45 -7.17
C HIS B 217 -15.25 26.35 -5.80
N ASP B 218 -15.21 27.43 -5.03
CA ASP B 218 -15.72 27.45 -3.66
C ASP B 218 -16.77 28.54 -3.51
N PHE B 219 -17.54 28.45 -2.42
CA PHE B 219 -18.51 29.48 -2.10
C PHE B 219 -18.74 29.49 -0.60
N GLY B 220 -19.51 30.47 -0.15
CA GLY B 220 -19.85 30.61 1.26
C GLY B 220 -21.35 30.38 1.46
N VAL B 221 -21.70 29.95 2.67
CA VAL B 221 -23.09 29.81 3.09
C VAL B 221 -23.22 30.44 4.46
N THR B 222 -24.22 31.29 4.63
CA THR B 222 -24.53 31.93 5.90
C THR B 222 -25.93 31.52 6.33
N GLU B 223 -26.34 31.98 7.51
CA GLU B 223 -27.65 31.62 8.02
C GLU B 223 -28.76 31.99 7.05
N ASP B 224 -28.59 33.10 6.30
CA ASP B 224 -29.62 33.60 5.41
C ASP B 224 -29.23 33.65 3.95
N TYR B 225 -27.94 33.64 3.61
CA TYR B 225 -27.50 33.88 2.25
C TYR B 225 -26.55 32.80 1.78
N ALA B 226 -26.48 32.65 0.45
CA ALA B 226 -25.40 31.97 -0.23
C ALA B 226 -24.48 33.02 -0.83
N VAL B 227 -23.17 32.83 -0.69
CA VAL B 227 -22.18 33.83 -1.08
C VAL B 227 -21.30 33.23 -2.17
N PHE B 228 -21.30 33.87 -3.33
CA PHE B 228 -20.54 33.40 -4.49
C PHE B 228 -19.47 34.42 -4.84
N ALA B 229 -18.21 34.03 -4.72
CA ALA B 229 -17.09 34.87 -5.11
C ALA B 229 -16.75 34.59 -6.57
N VAL B 230 -16.74 35.64 -7.38
CA VAL B 230 -16.54 35.52 -8.82
C VAL B 230 -15.22 36.20 -9.16
N MET B 231 -14.29 35.42 -9.71
CA MET B 231 -13.00 35.92 -10.16
C MET B 231 -12.90 35.78 -11.68
N PRO B 232 -12.08 36.61 -12.33
CA PRO B 232 -11.86 36.50 -13.78
C PRO B 232 -10.88 35.39 -14.18
N LEU B 233 -11.05 34.21 -13.59
CA LEU B 233 -10.34 33.02 -14.06
C LEU B 233 -11.18 32.45 -15.19
N LEU B 234 -10.94 32.96 -16.39
CA LEU B 234 -11.89 32.83 -17.48
C LEU B 234 -11.59 31.60 -18.33
N SER B 235 -12.63 31.14 -19.01
CA SER B 235 -12.59 29.97 -19.86
C SER B 235 -13.06 30.37 -21.26
N SER B 236 -12.57 29.63 -22.26
CA SER B 236 -13.01 29.87 -23.63
C SER B 236 -12.85 28.59 -24.44
N TRP B 237 -13.85 28.31 -25.28
CA TRP B 237 -13.78 27.14 -26.14
C TRP B 237 -12.73 27.29 -27.23
N ASP B 238 -12.31 28.51 -27.56
CA ASP B 238 -11.22 28.70 -28.49
C ASP B 238 -9.93 28.12 -27.93
N ARG B 239 -9.73 28.26 -26.63
CA ARG B 239 -8.52 27.75 -25.99
C ARG B 239 -8.46 26.24 -26.07
N LEU B 240 -9.61 25.57 -26.03
CA LEU B 240 -9.63 24.12 -26.13
C LEU B 240 -9.25 23.65 -27.53
N GLU B 241 -9.72 24.37 -28.56
CA GLU B 241 -9.35 24.04 -29.92
C GLU B 241 -7.86 24.27 -30.16
N GLN B 242 -7.33 25.39 -29.65
CA GLN B 242 -5.90 25.63 -29.71
C GLN B 242 -5.11 24.70 -28.80
N ARG B 243 -5.78 23.90 -27.97
CA ARG B 243 -5.12 22.98 -27.03
C ARG B 243 -4.30 23.75 -25.99
N LEU B 244 -4.93 24.75 -25.38
CA LEU B 244 -4.35 25.51 -24.29
C LEU B 244 -5.08 25.23 -22.99
N PRO B 245 -4.55 25.68 -21.86
CA PRO B 245 -5.27 25.49 -20.59
C PRO B 245 -6.66 26.08 -20.66
N PHE B 246 -7.64 25.30 -20.21
CA PHE B 246 -9.03 25.72 -20.23
C PHE B 246 -9.23 27.07 -19.53
N PHE B 247 -8.55 27.27 -18.40
CA PHE B 247 -8.71 28.48 -17.61
C PHE B 247 -7.53 29.43 -17.82
N GLY B 248 -7.85 30.72 -17.91
CA GLY B 248 -6.83 31.76 -17.97
C GLY B 248 -7.24 32.97 -17.17
N PHE B 249 -6.35 33.44 -16.29
CA PHE B 249 -6.68 34.52 -15.36
C PHE B 249 -6.47 35.88 -16.02
N ASP B 250 -7.49 36.73 -15.94
CA ASP B 250 -7.46 38.06 -16.52
C ASP B 250 -7.22 39.07 -15.41
N THR B 251 -6.05 39.71 -15.41
CA THR B 251 -5.68 40.64 -14.36
C THR B 251 -6.30 42.02 -14.54
N THR B 252 -7.09 42.23 -15.60
CA THR B 252 -7.69 43.53 -15.87
C THR B 252 -9.15 43.62 -15.45
N LEU B 253 -9.83 42.49 -15.29
CA LEU B 253 -11.24 42.51 -14.94
C LEU B 253 -11.43 42.56 -13.43
N PRO B 254 -12.57 43.05 -12.97
CA PRO B 254 -12.84 43.12 -11.54
C PRO B 254 -13.38 41.80 -11.01
N CYS B 255 -13.50 41.74 -9.69
CA CYS B 255 -14.08 40.59 -9.01
C CYS B 255 -15.45 40.98 -8.45
N TYR B 256 -16.33 40.00 -8.36
CA TYR B 256 -17.68 40.21 -7.85
C TYR B 256 -17.94 39.32 -6.64
N LEU B 257 -18.95 39.70 -5.88
CA LEU B 257 -19.45 38.90 -4.76
C LEU B 257 -20.96 38.90 -4.84
N GLY B 258 -21.54 37.72 -5.07
CA GLY B 258 -22.98 37.58 -5.25
C GLY B 258 -23.62 37.04 -3.99
N ILE B 259 -24.66 37.72 -3.53
CA ILE B 259 -25.38 37.37 -2.32
C ILE B 259 -26.77 36.93 -2.72
N LEU B 260 -27.04 35.63 -2.58
CA LEU B 260 -28.34 35.07 -2.92
C LEU B 260 -29.07 34.67 -1.64
N PRO B 261 -30.17 35.34 -1.27
CA PRO B 261 -30.94 34.87 -0.11
C PRO B 261 -31.34 33.42 -0.27
N ARG B 262 -31.04 32.61 0.75
CA ARG B 262 -31.26 31.17 0.65
C ARG B 262 -32.71 30.80 0.43
N ASN B 263 -33.65 31.72 0.66
CA ASN B 263 -35.07 31.46 0.49
C ASN B 263 -35.68 32.26 -0.65
N GLY B 264 -34.86 32.84 -1.52
CA GLY B 264 -35.34 33.62 -2.64
C GLY B 264 -35.04 32.98 -3.97
N ASP B 265 -34.82 33.81 -4.99
CA ASP B 265 -34.48 33.34 -6.33
C ASP B 265 -33.55 34.36 -6.97
N ALA B 266 -33.26 34.17 -8.25
CA ALA B 266 -32.31 35.04 -8.94
C ALA B 266 -32.71 36.51 -8.87
N ARG B 267 -34.00 36.80 -8.68
CA ARG B 267 -34.45 38.19 -8.61
C ARG B 267 -33.81 38.92 -7.43
N ASP B 268 -33.61 38.22 -6.31
CA ASP B 268 -33.11 38.83 -5.10
C ASP B 268 -31.58 38.82 -5.01
N LEU B 269 -30.89 38.26 -6.00
CA LEU B 269 -29.45 38.16 -5.96
C LEU B 269 -28.81 39.53 -6.23
N ARG B 270 -28.03 40.00 -5.27
CA ARG B 270 -27.34 41.28 -5.38
C ARG B 270 -25.86 41.07 -5.62
N TRP B 271 -25.30 41.80 -6.57
CA TRP B 271 -23.90 41.67 -6.95
C TRP B 271 -23.12 42.87 -6.42
N PHE B 272 -22.04 42.59 -5.70
CA PHE B 272 -21.08 43.60 -5.29
C PHE B 272 -19.78 43.40 -6.06
N LYS B 273 -19.02 44.47 -6.21
CA LYS B 273 -17.84 44.49 -7.06
C LYS B 273 -16.65 45.04 -6.30
N THR B 274 -15.47 44.48 -6.56
CA THR B 274 -14.25 44.94 -5.92
C THR B 274 -13.10 44.82 -6.92
N GLY B 275 -11.89 45.11 -6.45
CA GLY B 275 -10.73 45.07 -7.31
C GLY B 275 -10.37 43.67 -7.76
N ASN B 276 -9.49 43.63 -8.77
CA ASN B 276 -9.03 42.36 -9.31
C ASN B 276 -8.18 41.62 -8.30
N CYS B 277 -8.38 40.31 -8.19
CA CYS B 277 -7.61 39.49 -7.28
C CYS B 277 -7.93 38.02 -7.54
N PHE B 278 -7.15 37.14 -6.92
CA PHE B 278 -7.38 35.71 -6.97
C PHE B 278 -7.89 35.25 -5.62
N VAL B 279 -9.02 34.55 -5.62
CA VAL B 279 -9.71 34.12 -4.40
C VAL B 279 -9.53 32.63 -4.23
N GLY B 280 -9.13 32.21 -3.04
CA GLY B 280 -8.90 30.83 -2.72
C GLY B 280 -10.09 30.18 -2.02
N HIS B 281 -9.80 29.16 -1.21
CA HIS B 281 -10.86 28.42 -0.54
C HIS B 281 -11.47 29.25 0.58
N VAL B 282 -12.76 29.05 0.79
CA VAL B 282 -13.51 29.76 1.83
C VAL B 282 -13.28 29.07 3.15
N MET B 283 -12.72 29.81 4.12
CA MET B 283 -12.64 29.30 5.48
C MET B 283 -14.02 29.19 6.10
N ASN B 284 -14.79 30.27 6.05
CA ASN B 284 -16.17 30.28 6.55
C ASN B 284 -16.83 31.57 6.10
N ALA B 285 -18.16 31.56 6.12
CA ALA B 285 -18.96 32.74 5.86
C ALA B 285 -20.09 32.80 6.86
N PHE B 286 -20.52 34.02 7.19
CA PHE B 286 -21.63 34.21 8.11
C PHE B 286 -22.16 35.62 7.95
N ASN B 287 -23.43 35.80 8.32
CA ASN B 287 -24.08 37.10 8.21
C ASN B 287 -24.53 37.59 9.58
N ASP B 288 -24.44 38.90 9.78
CA ASP B 288 -24.91 39.57 10.99
C ASP B 288 -25.97 40.56 10.53
N GLY B 289 -27.21 40.11 10.52
CA GLY B 289 -28.24 40.89 9.87
C GLY B 289 -27.98 40.91 8.37
N THR B 290 -28.05 42.09 7.78
CA THR B 290 -27.75 42.26 6.36
C THR B 290 -26.27 42.38 6.08
N LYS B 291 -25.42 42.34 7.11
CA LYS B 291 -23.98 42.41 6.95
C LYS B 291 -23.45 40.99 6.71
N VAL B 292 -22.80 40.79 5.56
CA VAL B 292 -22.32 39.48 5.14
C VAL B 292 -20.81 39.48 5.18
N HIS B 293 -20.22 38.47 5.83
CA HIS B 293 -18.79 38.28 5.89
C HIS B 293 -18.40 36.96 5.23
N ILE B 294 -17.27 36.96 4.55
CA ILE B 294 -16.71 35.74 3.98
C ILE B 294 -15.20 35.83 4.07
N ASP B 295 -14.57 34.74 4.51
CA ASP B 295 -13.13 34.70 4.76
C ASP B 295 -12.49 33.69 3.82
N MET B 296 -11.46 34.13 3.10
CA MET B 296 -10.78 33.29 2.13
C MET B 296 -9.40 33.89 1.85
N PRO B 297 -8.41 33.07 1.50
CA PRO B 297 -7.13 33.63 1.05
C PRO B 297 -7.30 34.39 -0.24
N VAL B 298 -6.74 35.60 -0.31
CA VAL B 298 -6.77 36.43 -1.50
C VAL B 298 -5.32 36.68 -1.94
N SER B 299 -5.05 36.43 -3.21
CA SER B 299 -3.74 36.68 -3.80
C SER B 299 -3.93 37.52 -5.06
N ARG B 300 -2.81 37.90 -5.68
CA ARG B 300 -2.87 38.70 -6.88
C ARG B 300 -2.97 37.87 -8.15
N ASN B 301 -2.46 36.63 -8.13
CA ASN B 301 -2.68 35.71 -9.24
C ASN B 301 -2.67 34.29 -8.70
N ASN B 302 -2.82 33.32 -9.61
CA ASN B 302 -2.96 31.91 -9.28
C ASN B 302 -2.01 31.47 -8.17
N SER B 303 -2.57 30.78 -7.17
CA SER B 303 -1.82 30.34 -6.01
C SER B 303 -1.39 28.88 -6.08
N PHE B 304 -1.89 28.11 -7.04
CA PHE B 304 -1.53 26.70 -7.16
C PHE B 304 -0.69 26.48 -8.41
N PRO B 305 0.61 26.18 -8.29
CA PRO B 305 1.42 25.95 -9.49
C PRO B 305 1.08 24.65 -10.22
N PHE B 306 0.52 23.66 -9.53
CA PHE B 306 0.03 22.47 -10.22
C PHE B 306 -1.19 22.79 -11.07
N PHE B 307 -1.83 23.92 -10.82
CA PHE B 307 -2.96 24.40 -11.62
C PHE B 307 -2.41 25.23 -12.77
N ASP B 308 -2.32 24.62 -13.95
CA ASP B 308 -1.75 25.31 -15.11
C ASP B 308 -2.79 26.23 -15.72
N VAL B 309 -2.54 27.52 -15.63
CA VAL B 309 -3.35 28.53 -16.26
C VAL B 309 -2.54 29.12 -17.42
N HIS B 310 -3.20 29.91 -18.25
CA HIS B 310 -2.60 30.40 -19.48
C HIS B 310 -2.15 31.83 -19.34
N GLY B 311 -1.00 32.15 -19.92
CA GLY B 311 -0.48 33.50 -19.94
C GLY B 311 0.21 33.90 -18.65
N ALA B 312 1.40 34.48 -18.77
CA ALA B 312 2.14 35.05 -17.66
C ALA B 312 2.65 33.97 -16.71
N PRO B 313 3.87 33.41 -16.95
CA PRO B 313 4.39 32.26 -16.19
C PRO B 313 3.58 31.73 -15.00
N PHE B 314 4.27 31.41 -13.91
CA PHE B 314 3.68 31.21 -12.59
C PHE B 314 4.44 32.12 -11.64
N ASP B 315 3.85 33.26 -11.32
CA ASP B 315 4.47 34.19 -10.38
C ASP B 315 4.28 33.64 -8.97
N PRO B 316 5.34 33.17 -8.30
CA PRO B 316 5.15 32.55 -6.98
C PRO B 316 4.92 33.55 -5.86
N VAL B 317 5.31 34.81 -6.04
CA VAL B 317 5.03 35.85 -5.05
C VAL B 317 3.65 36.46 -5.27
N ALA B 318 3.24 36.67 -6.53
CA ALA B 318 1.89 37.13 -6.79
C ALA B 318 0.86 36.08 -6.43
N GLY B 319 1.25 34.82 -6.32
CA GLY B 319 0.37 33.73 -5.92
C GLY B 319 0.31 33.49 -4.43
N GLN B 320 0.95 34.32 -3.63
CA GLN B 320 0.84 34.21 -2.18
C GLN B 320 -0.53 34.69 -1.73
N GLY B 321 -1.32 33.77 -1.19
CA GLY B 321 -2.64 34.12 -0.68
C GLY B 321 -2.60 34.39 0.81
N PHE B 322 -3.30 35.44 1.22
CA PHE B 322 -3.42 35.82 2.62
C PHE B 322 -4.88 35.78 3.03
N LEU B 323 -5.14 35.22 4.20
CA LEU B 323 -6.52 35.10 4.69
C LEU B 323 -7.13 36.48 4.81
N THR B 324 -8.23 36.70 4.10
CA THR B 324 -8.86 38.01 3.99
C THR B 324 -10.35 37.90 4.21
N ARG B 325 -10.92 38.87 4.91
CA ARG B 325 -12.36 38.98 5.09
C ARG B 325 -12.93 40.02 4.13
N TRP B 326 -13.95 39.63 3.39
CA TRP B 326 -14.74 40.56 2.60
C TRP B 326 -16.07 40.80 3.29
N THR B 327 -16.51 42.06 3.28
CA THR B 327 -17.76 42.45 3.94
C THR B 327 -18.61 43.25 2.98
N VAL B 328 -19.86 42.83 2.81
CA VAL B 328 -20.87 43.60 2.09
C VAL B 328 -22.10 43.70 2.97
N ASP B 329 -22.95 44.67 2.66
CA ASP B 329 -24.18 44.88 3.42
C ASP B 329 -25.36 44.90 2.44
N MET B 330 -26.31 43.99 2.65
CA MET B 330 -27.48 43.94 1.78
C MET B 330 -28.41 45.13 1.99
N ALA B 331 -28.28 45.83 3.13
CA ALA B 331 -29.08 47.03 3.37
C ALA B 331 -28.61 48.24 2.58
N SER B 332 -27.35 48.24 2.14
CA SER B 332 -26.82 49.39 1.44
C SER B 332 -27.30 49.41 0.00
N ASN B 333 -27.05 50.53 -0.67
CA ASN B 333 -27.35 50.68 -2.09
C ASN B 333 -26.04 50.78 -2.87
N GLY B 334 -26.05 50.23 -4.08
CA GLY B 334 -24.86 50.14 -4.89
C GLY B 334 -24.20 48.78 -4.77
N ASP B 335 -23.02 48.68 -5.39
CA ASP B 335 -22.25 47.46 -5.40
C ASP B 335 -20.91 47.61 -4.68
N SER B 336 -20.85 48.55 -3.73
CA SER B 336 -19.62 48.80 -2.99
C SER B 336 -19.51 47.88 -1.79
N PHE B 337 -18.30 47.36 -1.57
CA PHE B 337 -18.01 46.63 -0.35
C PHE B 337 -18.05 47.60 0.84
N GLU B 338 -18.25 47.03 2.03
CA GLU B 338 -18.08 47.80 3.25
C GLU B 338 -16.64 47.73 3.76
N LYS B 339 -15.99 46.59 3.62
CA LYS B 339 -14.68 46.40 4.22
C LYS B 339 -13.97 45.22 3.55
N THR B 340 -12.65 45.36 3.40
CA THR B 340 -11.77 44.23 3.17
C THR B 340 -10.66 44.30 4.20
N GLU B 341 -10.31 43.16 4.78
CA GLU B 341 -9.37 43.13 5.90
C GLU B 341 -8.55 41.86 5.85
N ARG B 342 -7.23 42.01 5.80
CA ARG B 342 -6.33 40.87 5.87
C ARG B 342 -6.30 40.34 7.29
N LEU B 343 -6.65 39.06 7.44
CA LEU B 343 -6.73 38.43 8.76
C LEU B 343 -5.43 37.75 9.17
N PHE B 344 -4.56 37.42 8.22
CA PHE B 344 -3.35 36.66 8.51
C PHE B 344 -2.27 37.09 7.52
N ASP B 345 -1.05 37.31 8.03
CA ASP B 345 0.03 37.91 7.27
C ASP B 345 1.07 36.88 6.82
N ARG B 346 0.68 35.61 6.69
CA ARG B 346 1.58 34.61 6.14
C ARG B 346 0.87 33.87 5.01
N PRO B 347 1.57 33.53 3.93
CA PRO B 347 0.91 32.83 2.81
C PRO B 347 0.28 31.53 3.31
N ASP B 348 -1.00 31.35 2.99
CA ASP B 348 -1.77 30.25 3.55
C ASP B 348 -2.83 29.80 2.55
N GLU B 349 -3.35 28.60 2.79
CA GLU B 349 -4.43 28.03 2.00
C GLU B 349 -4.97 26.82 2.75
N PHE B 350 -5.98 26.19 2.16
CA PHE B 350 -6.65 25.03 2.75
C PHE B 350 -7.15 25.34 4.16
N PRO B 351 -8.02 26.33 4.32
CA PRO B 351 -8.48 26.71 5.66
C PRO B 351 -9.54 25.75 6.18
N ARG B 352 -9.61 25.68 7.50
CA ARG B 352 -10.53 24.78 8.18
C ARG B 352 -11.04 25.45 9.43
N ILE B 353 -12.25 25.05 9.83
CA ILE B 353 -12.92 25.58 11.00
C ILE B 353 -13.50 24.42 11.81
N ASP B 354 -13.89 24.73 13.03
CA ASP B 354 -14.78 23.86 13.80
C ASP B 354 -16.13 23.85 13.11
N GLU B 355 -16.40 22.79 12.33
CA GLU B 355 -17.55 22.81 11.43
C GLU B 355 -18.89 22.89 12.15
N ARG B 356 -18.91 22.69 13.47
CA ARG B 356 -20.13 22.97 14.22
C ARG B 356 -20.54 24.44 14.08
N TYR B 357 -19.60 25.32 13.72
CA TYR B 357 -19.85 26.74 13.58
C TYR B 357 -19.91 27.18 12.12
N ALA B 358 -19.97 26.24 11.18
CA ALA B 358 -20.06 26.63 9.77
C ALA B 358 -21.32 27.44 9.55
N THR B 359 -21.22 28.42 8.64
CA THR B 359 -22.28 29.37 8.32
C THR B 359 -22.59 30.34 9.46
N ARG B 360 -21.84 30.29 10.56
CA ARG B 360 -22.13 31.12 11.72
C ARG B 360 -20.88 31.87 12.16
N ALA B 361 -21.08 32.85 13.03
CA ALA B 361 -19.97 33.58 13.60
C ALA B 361 -19.01 32.61 14.28
N TYR B 362 -17.72 32.85 14.09
CA TYR B 362 -16.70 31.93 14.56
C TYR B 362 -15.40 32.69 14.80
N ARG B 363 -14.42 32.02 15.40
CA ARG B 363 -13.13 32.63 15.66
C ARG B 363 -11.94 31.72 15.42
N HIS B 364 -12.11 30.40 15.37
CA HIS B 364 -10.99 29.48 15.29
C HIS B 364 -10.84 28.93 13.87
N GLY B 365 -9.64 29.04 13.33
CA GLY B 365 -9.35 28.52 12.01
C GLY B 365 -7.99 27.86 11.98
N TRP B 366 -7.87 26.87 11.11
CA TRP B 366 -6.60 26.19 10.86
C TRP B 366 -6.30 26.23 9.36
N MET B 367 -5.03 26.09 9.03
CA MET B 367 -4.59 26.37 7.66
C MET B 367 -3.21 25.76 7.44
N LEU B 368 -2.92 25.52 6.16
CA LEU B 368 -1.57 25.22 5.74
C LEU B 368 -0.84 26.51 5.40
N ILE B 369 0.44 26.57 5.76
CA ILE B 369 1.26 27.76 5.59
C ILE B 369 2.46 27.42 4.73
N LEU B 370 2.80 28.31 3.82
CA LEU B 370 3.97 28.18 2.94
C LEU B 370 5.11 28.96 3.58
N ASP B 371 6.03 28.24 4.25
CA ASP B 371 7.18 28.87 4.89
C ASP B 371 8.41 28.60 4.02
N THR B 372 8.67 29.54 3.10
CA THR B 372 9.76 29.37 2.14
C THR B 372 11.13 29.58 2.77
N GLU B 373 11.20 30.20 3.95
CA GLU B 373 12.47 30.39 4.65
C GLU B 373 12.92 29.15 5.38
N LYS B 374 12.17 28.03 5.28
CA LYS B 374 12.61 26.78 5.87
C LYS B 374 13.34 25.93 4.84
N PRO B 375 14.35 25.16 5.27
CA PRO B 375 15.01 24.25 4.34
C PRO B 375 14.12 23.10 3.91
N TYR B 376 14.33 22.65 2.67
CA TYR B 376 13.62 21.50 2.11
C TYR B 376 14.65 20.60 1.44
N GLU B 377 14.95 19.47 2.08
CA GLU B 377 16.03 18.59 1.66
C GLU B 377 15.54 17.33 0.96
N ALA B 378 14.39 17.39 0.30
CA ALA B 378 13.85 16.22 -0.38
C ALA B 378 14.01 16.39 -1.89
N PRO B 379 14.91 15.67 -2.54
CA PRO B 379 15.00 15.75 -4.00
C PRO B 379 13.77 15.14 -4.65
N GLY B 380 13.38 15.73 -5.78
CA GLY B 380 12.28 15.23 -6.56
C GLY B 380 10.94 15.87 -6.32
N GLY B 381 10.90 17.06 -5.71
CA GLY B 381 9.63 17.69 -5.40
C GLY B 381 9.60 19.17 -5.69
N ALA B 382 8.46 19.63 -6.22
CA ALA B 382 8.23 21.07 -6.39
C ALA B 382 8.39 21.80 -5.07
N PHE B 383 9.29 22.76 -5.04
CA PHE B 383 9.41 23.69 -3.94
C PHE B 383 8.24 24.68 -3.91
N TYR B 384 7.47 24.77 -4.99
CA TYR B 384 6.36 25.70 -5.06
C TYR B 384 5.20 25.26 -4.19
N ALA B 385 4.67 24.05 -4.44
CA ALA B 385 3.51 23.54 -3.72
C ALA B 385 3.87 22.91 -2.39
N LEU B 386 4.83 23.47 -1.66
CA LEU B 386 5.32 22.85 -0.42
C LEU B 386 4.62 23.49 0.76
N THR B 387 3.50 22.89 1.17
CA THR B 387 2.84 23.26 2.43
C THR B 387 3.55 22.51 3.55
N ASN B 388 4.56 23.15 4.14
CA ASN B 388 5.41 22.52 5.14
C ASN B 388 5.03 22.91 6.56
N THR B 389 3.95 23.67 6.75
CA THR B 389 3.64 24.22 8.05
C THR B 389 2.13 24.19 8.28
N LEU B 390 1.75 23.92 9.52
CA LEU B 390 0.35 23.94 9.96
C LEU B 390 0.16 25.10 10.92
N GLY B 391 -0.90 25.88 10.69
CA GLY B 391 -1.13 27.06 11.48
C GLY B 391 -2.52 27.10 12.10
N HIS B 392 -2.62 27.83 13.21
CA HIS B 392 -3.88 28.10 13.89
C HIS B 392 -3.98 29.59 14.16
N ILE B 393 -5.16 30.16 13.93
CA ILE B 393 -5.41 31.57 14.19
C ILE B 393 -6.65 31.74 15.04
N ASP B 394 -6.56 32.61 16.03
CA ASP B 394 -7.71 33.05 16.83
C ASP B 394 -8.17 34.38 16.23
N LEU B 395 -9.21 34.33 15.40
CA LEU B 395 -9.69 35.55 14.75
C LEU B 395 -10.19 36.58 15.74
N ALA B 396 -10.58 36.17 16.95
CA ALA B 396 -11.04 37.13 17.95
C ALA B 396 -9.89 37.95 18.54
N THR B 397 -8.65 37.46 18.44
CA THR B 397 -7.50 38.13 19.01
C THR B 397 -6.40 38.41 18.00
N GLY B 398 -6.45 37.80 16.81
CA GLY B 398 -5.35 37.89 15.87
C GLY B 398 -4.13 37.06 16.24
N LYS B 399 -4.11 36.44 17.42
CA LYS B 399 -3.00 35.60 17.81
C LYS B 399 -2.99 34.32 16.98
N SER B 400 -1.80 33.81 16.74
CA SER B 400 -1.65 32.61 15.92
C SER B 400 -0.43 31.82 16.39
N SER B 401 -0.45 30.53 16.06
CA SER B 401 0.68 29.64 16.31
C SER B 401 0.79 28.69 15.14
N SER B 402 1.94 28.03 15.02
CA SER B 402 2.19 27.19 13.87
C SER B 402 3.19 26.10 14.24
N TRP B 403 3.27 25.09 13.36
CA TRP B 403 4.18 23.97 13.52
C TRP B 403 4.83 23.67 12.18
N TRP B 404 6.15 23.51 12.20
CA TRP B 404 6.91 23.16 11.00
C TRP B 404 7.14 21.66 10.96
N ALA B 405 6.83 21.04 9.81
CA ALA B 405 6.96 19.60 9.66
C ALA B 405 8.41 19.14 9.54
N GLY B 406 9.35 20.06 9.40
CA GLY B 406 10.74 19.70 9.23
C GLY B 406 11.13 19.71 7.76
N PRO B 407 12.43 19.53 7.49
CA PRO B 407 12.94 19.69 6.12
C PRO B 407 12.61 18.53 5.19
N ARG B 408 12.07 17.43 5.70
CA ARG B 408 11.80 16.24 4.89
C ARG B 408 10.34 16.12 4.46
N CYS B 409 9.44 16.92 5.01
CA CYS B 409 8.02 16.57 5.02
C CYS B 409 7.16 17.70 4.47
N ALA B 410 6.02 17.30 3.90
CA ALA B 410 4.93 18.20 3.56
C ALA B 410 3.71 17.80 4.38
N ILE B 411 2.74 18.72 4.45
CA ILE B 411 1.51 18.50 5.17
C ILE B 411 0.35 18.66 4.20
N GLN B 412 -0.65 17.79 4.34
CA GLN B 412 -1.86 17.86 3.53
C GLN B 412 -2.95 18.57 4.33
N GLU B 413 -4.12 18.71 3.71
CA GLU B 413 -5.17 19.53 4.29
C GLU B 413 -5.52 19.00 5.69
N PRO B 414 -5.58 19.85 6.71
CA PRO B 414 -5.94 19.39 8.04
C PRO B 414 -7.47 19.28 8.18
N CYS B 415 -7.89 18.85 9.37
CA CYS B 415 -9.30 18.68 9.65
C CYS B 415 -9.49 18.69 11.17
N PHE B 416 -10.51 19.40 11.63
CA PHE B 416 -10.76 19.53 13.06
C PHE B 416 -11.72 18.46 13.53
N ILE B 417 -11.50 18.00 14.77
CA ILE B 417 -12.37 17.03 15.42
C ILE B 417 -12.68 17.55 16.81
N PRO B 418 -13.94 17.70 17.21
CA PRO B 418 -14.23 18.16 18.57
C PRO B 418 -13.91 17.10 19.61
N ARG B 419 -13.52 17.57 20.80
CA ARG B 419 -13.27 16.68 21.91
C ARG B 419 -14.55 16.00 22.38
N SER B 420 -15.69 16.66 22.20
CA SER B 420 -16.98 16.16 22.64
C SER B 420 -18.06 17.00 21.97
N PRO B 421 -19.30 16.50 21.90
CA PRO B 421 -20.31 17.19 21.09
C PRO B 421 -20.57 18.63 21.51
N ASP B 422 -20.53 18.92 22.80
CA ASP B 422 -20.78 20.27 23.31
C ASP B 422 -19.50 20.94 23.80
N ALA B 423 -18.35 20.50 23.31
CA ALA B 423 -17.10 21.14 23.69
C ALA B 423 -17.08 22.59 23.19
N PRO B 424 -16.31 23.46 23.84
CA PRO B 424 -16.18 24.83 23.35
C PRO B 424 -15.67 24.85 21.91
N GLU B 425 -15.87 25.99 21.24
CA GLU B 425 -15.38 26.13 19.88
C GLU B 425 -13.89 25.83 19.83
N GLY B 426 -13.50 25.02 18.85
CA GLY B 426 -12.10 24.71 18.64
C GLY B 426 -11.44 23.88 19.72
N ASP B 427 -12.20 23.36 20.68
CA ASP B 427 -11.64 22.49 21.71
C ASP B 427 -11.68 21.05 21.20
N GLY B 428 -10.52 20.49 20.93
CA GLY B 428 -10.44 19.16 20.37
C GLY B 428 -9.11 18.88 19.69
N TYR B 429 -9.17 18.46 18.43
CA TYR B 429 -8.00 17.94 17.75
C TYR B 429 -7.99 18.39 16.29
N VAL B 430 -6.79 18.45 15.73
CA VAL B 430 -6.59 18.67 14.30
C VAL B 430 -5.75 17.51 13.78
N ILE B 431 -6.21 16.90 12.69
CA ILE B 431 -5.51 15.79 12.06
C ILE B 431 -5.07 16.23 10.66
N ALA B 432 -3.96 15.67 10.21
CA ALA B 432 -3.46 15.96 8.87
C ALA B 432 -2.41 14.93 8.50
N LEU B 433 -2.32 14.62 7.21
CA LEU B 433 -1.28 13.74 6.71
C LEU B 433 0.04 14.50 6.61
N VAL B 434 1.07 13.95 7.25
CA VAL B 434 2.43 14.48 7.19
C VAL B 434 3.25 13.48 6.39
N ASP B 435 3.72 13.90 5.22
CA ASP B 435 4.33 13.00 4.25
C ASP B 435 5.84 13.23 4.23
N ASP B 436 6.60 12.21 4.63
CA ASP B 436 8.06 12.24 4.58
C ASP B 436 8.49 11.90 3.16
N HIS B 437 9.08 12.86 2.47
CA HIS B 437 9.41 12.71 1.05
C HIS B 437 10.78 12.04 0.82
N VAL B 438 11.51 11.72 1.88
CA VAL B 438 12.78 11.02 1.77
C VAL B 438 12.60 9.52 2.02
N ALA B 439 11.96 9.16 3.12
CA ALA B 439 11.67 7.77 3.43
C ALA B 439 10.37 7.28 2.82
N ASN B 440 9.56 8.19 2.28
CA ASN B 440 8.31 7.82 1.60
C ASN B 440 7.39 7.06 2.53
N TYR B 441 7.12 7.65 3.69
CA TYR B 441 6.11 7.20 4.63
C TYR B 441 5.17 8.37 4.92
N SER B 442 3.93 8.04 5.24
CA SER B 442 2.94 9.03 5.66
C SER B 442 2.46 8.72 7.07
N ASP B 443 2.32 9.77 7.87
CA ASP B 443 1.70 9.69 9.18
C ASP B 443 0.40 10.49 9.15
N LEU B 444 -0.67 9.91 9.68
CA LEU B 444 -1.85 10.70 10.00
C LEU B 444 -1.60 11.26 11.39
N ALA B 445 -1.15 12.52 11.45
CA ALA B 445 -0.74 13.13 12.70
C ALA B 445 -1.93 13.78 13.39
N ILE B 446 -1.96 13.67 14.71
CA ILE B 446 -3.03 14.23 15.52
C ILE B 446 -2.43 15.33 16.39
N PHE B 447 -2.97 16.54 16.26
CA PHE B 447 -2.54 17.67 17.06
C PHE B 447 -3.61 18.06 18.06
N ASP B 448 -3.19 18.68 19.15
CA ASP B 448 -4.13 19.46 19.96
C ASP B 448 -4.50 20.72 19.19
N ALA B 449 -5.79 20.89 18.91
CA ALA B 449 -6.23 21.99 18.08
C ALA B 449 -5.76 23.34 18.60
N GLN B 450 -5.65 23.50 19.91
CA GLN B 450 -5.25 24.76 20.52
C GLN B 450 -3.76 24.83 20.82
N HIS B 451 -2.97 23.84 20.40
CA HIS B 451 -1.54 23.87 20.61
C HIS B 451 -0.85 23.10 19.49
N VAL B 452 -1.18 23.44 18.25
CA VAL B 452 -0.52 22.80 17.11
C VAL B 452 0.98 23.04 17.16
N ASP B 453 1.40 24.16 17.73
CA ASP B 453 2.82 24.48 17.81
C ASP B 453 3.61 23.44 18.59
N GLN B 454 2.95 22.67 19.46
CA GLN B 454 3.61 21.64 20.24
C GLN B 454 3.78 20.34 19.47
N GLY B 455 3.44 20.31 18.18
CA GLY B 455 3.63 19.14 17.38
C GLY B 455 2.52 18.12 17.61
N PRO B 456 2.58 17.01 16.89
CA PRO B 456 1.53 15.99 17.05
C PRO B 456 1.57 15.34 18.43
N ILE B 457 0.37 15.08 18.96
CA ILE B 457 0.26 14.25 20.16
C ILE B 457 0.25 12.76 19.83
N ALA B 458 0.05 12.40 18.56
CA ALA B 458 0.03 11.01 18.13
C ALA B 458 0.24 10.96 16.62
N ARG B 459 0.70 9.81 16.15
CA ARG B 459 0.98 9.60 14.73
C ARG B 459 0.53 8.20 14.36
N ALA B 460 -0.38 8.10 13.39
CA ALA B 460 -0.75 6.83 12.78
C ALA B 460 0.24 6.58 11.64
N LYS B 461 1.21 5.71 11.87
CA LYS B 461 2.34 5.53 10.97
C LYS B 461 1.96 4.53 9.88
N LEU B 462 1.82 5.02 8.66
CA LEU B 462 1.51 4.18 7.50
C LEU B 462 2.81 3.68 6.85
N PRO B 463 2.82 2.44 6.35
CA PRO B 463 4.03 1.93 5.69
C PRO B 463 4.09 2.31 4.22
N VAL B 464 3.55 3.47 3.90
CA VAL B 464 3.45 3.95 2.52
C VAL B 464 3.24 5.44 2.58
N ARG B 465 3.67 6.15 1.54
CA ARG B 465 3.43 7.59 1.44
C ARG B 465 2.19 7.82 0.58
N ILE B 466 1.22 8.53 1.13
CA ILE B 466 -0.01 8.83 0.42
C ILE B 466 0.24 10.02 -0.51
N ARG B 467 -0.12 9.84 -1.78
CA ARG B 467 0.06 10.88 -2.78
C ARG B 467 -0.64 12.16 -2.35
N GLN B 468 -0.01 13.30 -2.66
CA GLN B 468 -0.60 14.60 -2.34
C GLN B 468 -2.02 14.66 -2.86
N GLY B 469 -2.97 14.88 -1.95
CA GLY B 469 -4.37 14.89 -2.28
C GLY B 469 -4.98 16.28 -2.20
N LEU B 470 -6.30 16.32 -2.06
CA LEU B 470 -7.02 17.58 -1.98
C LEU B 470 -7.76 17.68 -0.65
N HIS B 471 -9.07 17.49 -0.64
CA HIS B 471 -9.87 17.77 0.54
C HIS B 471 -10.36 16.49 1.21
N GLY B 472 -10.56 16.58 2.52
CA GLY B 472 -11.09 15.50 3.33
C GLY B 472 -12.03 16.04 4.37
N ASN B 473 -12.68 15.13 5.10
CA ASN B 473 -13.71 15.53 6.05
C ASN B 473 -13.85 14.48 7.14
N TRP B 474 -14.18 14.95 8.34
CA TRP B 474 -14.47 14.10 9.48
C TRP B 474 -15.98 13.99 9.66
N ALA B 475 -16.44 12.78 9.95
CA ALA B 475 -17.83 12.54 10.32
C ALA B 475 -17.85 11.66 11.56
N ASP B 476 -18.61 12.08 12.56
CA ASP B 476 -18.79 11.24 13.74
C ASP B 476 -19.51 9.96 13.35
N ALA B 477 -19.28 8.90 14.13
CA ALA B 477 -19.92 7.62 13.84
C ALA B 477 -21.43 7.72 13.87
N SER B 478 -21.99 8.70 14.58
CA SER B 478 -23.44 8.89 14.63
C SER B 478 -24.02 9.23 13.26
N ARG B 479 -23.21 9.74 12.34
CA ARG B 479 -23.69 10.10 11.01
C ARG B 479 -23.77 8.91 10.06
N LEU B 480 -23.51 7.70 10.55
CA LEU B 480 -23.54 6.51 9.71
C LEU B 480 -24.60 5.52 10.19
FE FE C . 13.09 -22.18 4.17
C1 GOL D . -5.58 -29.88 -4.04
O1 GOL D . -6.19 -29.57 -5.28
C2 GOL D . -6.65 -30.31 -3.04
O2 GOL D . -7.28 -31.51 -3.46
C3 GOL D . -6.02 -30.53 -1.66
O3 GOL D . -6.94 -31.16 -0.81
H11 GOL D . -5.05 -29.01 -3.66
H12 GOL D . -4.86 -30.69 -4.18
HO1 GOL D . -5.53 -29.24 -5.90
H2 GOL D . -7.39 -29.52 -2.96
HO2 GOL D . -6.62 -32.23 -3.50
H31 GOL D . -5.73 -29.56 -1.24
H32 GOL D . -5.13 -31.15 -1.77
HO3 GOL D . -6.69 -31.01 0.12
C1 GOL E . -10.93 -25.70 7.30
O1 GOL E . -11.13 -24.40 6.81
C2 GOL E . -9.68 -25.75 8.18
O2 GOL E . -9.06 -24.48 8.24
C3 GOL E . -10.06 -26.21 9.58
O3 GOL E . -8.92 -26.23 10.42
H11 GOL E . -10.81 -26.39 6.47
H12 GOL E . -11.79 -26.01 7.89
HO1 GOL E . -11.89 -24.39 6.20
H2 GOL E . -8.98 -26.47 7.76
HO2 GOL E . -9.68 -23.83 8.64
H31 GOL E . -10.50 -27.21 9.54
H32 GOL E . -10.81 -25.53 10.00
HO3 GOL E . -8.93 -25.44 11.01
FE FE F . -10.70 22.80 -3.55
MG MG G . 5.03 5.51 8.96
C1 GOL H . -28.33 10.37 -1.02
O1 GOL H . -28.87 9.66 0.06
C2 GOL H . -28.82 9.75 -2.32
O2 GOL H . -30.20 9.48 -2.23
C3 GOL H . -28.58 10.67 -3.49
O3 GOL H . -29.30 10.21 -4.60
H11 GOL H . -27.24 10.34 -0.98
H12 GOL H . -28.64 11.42 -0.97
HO1 GOL H . -28.51 10.01 0.91
H2 GOL H . -28.27 8.82 -2.49
HO2 GOL H . -30.69 10.32 -2.11
H31 GOL H . -27.52 10.70 -3.73
H32 GOL H . -28.89 11.69 -3.23
HO3 GOL H . -30.24 10.48 -4.51
#